data_9F0J
#
_entry.id   9F0J
#
_cell.length_a   1.00
_cell.length_b   1.00
_cell.length_c   1.00
_cell.angle_alpha   90.00
_cell.angle_beta   90.00
_cell.angle_gamma   90.00
#
_symmetry.space_group_name_H-M   'P 1'
#
loop_
_entity.id
_entity.type
_entity.pdbx_description
1 polymer 'Interferon-induced helicase C domain-containing protein 1'
2 polymer "RNA (5'-UCCAUGCGCAUGACG-3')"
3 polymer "RNA (5'-CGUCAUGCGCAUGGA-3')"
4 non-polymer 'ZINC ION'
#
loop_
_entity_poly.entity_id
_entity_poly.type
_entity_poly.pdbx_seq_one_letter_code
_entity_poly.pdbx_strand_id
1 'polypeptide(L)'
;MGSSHHHHHHSSGRENLYFQGHMIVCSAEDSFRNLILFFRPRLKMYIQVEPVLDHLIFLSAETKEQILKKINTCGNTSAA
ELLLSTLEQGQWPLGWTQMFVEALEHSGNPLAARYVKPTLTDLPSPSSETAHDECLHLLTLLQPTLVDKLLINDVLDTCF
EKGLLTVEDRNRISAAGNSGNESGVRELLRRIVQKENWFSTFLDVLRQTGNDALFQELTGGGCPEDNTDLANSSHRDGPA
ANECLLPAVDESSLETEAWNVDDILPEASCTDSSVTTESDTSLAEGSVSCFDESLGHNSNMGRDSGTMGSDSDESVIQTK
RVSPEPELQLRPYQMEVAQPALDGKNIIICLPTGSGKTRVAVYITKDHLDKKKQASESGKVIVLVNKVMLAEQLFRKEFN
PYLKKWYRIIGLSGDTQLKISFPEVVKSYDVIISTAQILENSLLNLESGDDDGVQLSDFSLIIIDECHHTNKEAVYNNIM
RRYLKQKLRNNDLKKQNKPAIPLPQILGLTASPGVGAAKKQSEAEKHILNICANLDAFTIKTVKENLGQLKHQIKEPCKK
FVIADDTRENPFKEKLLEIMASIQTYCQKSPMSDFGTQHYEQWAIQMEKKAAKDGNRKDRVCAEHLRKYNEALQINDTIR
MIDAYSHLETFYTDEKEKKFAVLNDSKKSLKLDETDEFLMNLFFDNKKMLKKLAENPKYENEKLIKLRNTILEQFTRSEE
SSRGIIFTKTRQSTYALSQWIMENAKFAEVGVKAHHLIGAGHSSEVKPMTQTEQKEVISKFRTGEINLLIATTVAEEGLD
IKECNIVIRYGLVTNEIAMVQARGRARADESTYVLVTSSGSGVTEREIVNDFREKMMYKAINRVQNMKPEEYAHKILELQ
VQSILEKKMKVKRSIAKQYNDNPSLITLLCKNCSMLVCSGENIHVVEKMHHVNMTPEFKGLYIVRENKALQKKFADYQTN
GEIICKCGQAWGTMMVHKGLDLPCLKIRNFVVNFKNNSPKKQYKKWVELPIRFPDLDYSEYCLYSDED
;
A
2 'polyribonucleotide' UCCAUGCGCAUGACG X
3 'polyribonucleotide' CGUCAUGCGCAUGGA Z
#
loop_
_chem_comp.id
_chem_comp.type
_chem_comp.name
_chem_comp.formula
A RNA linking ADENOSINE-5'-MONOPHOSPHATE 'C10 H14 N5 O7 P'
C RNA linking CYTIDINE-5'-MONOPHOSPHATE 'C9 H14 N3 O8 P'
G RNA linking GUANOSINE-5'-MONOPHOSPHATE 'C10 H14 N5 O8 P'
U RNA linking URIDINE-5'-MONOPHOSPHATE 'C9 H13 N2 O9 P'
ZN non-polymer 'ZINC ION' 'Zn 2'
#
# COMPACT_ATOMS: atom_id res chain seq x y z
N LEU A 328 16.60 31.65 15.14
CA LEU A 328 15.54 30.64 15.17
C LEU A 328 15.21 30.24 16.60
N GLN A 329 14.24 30.93 17.19
CA GLN A 329 13.83 30.65 18.55
C GLN A 329 13.22 29.25 18.64
N LEU A 330 13.43 28.59 19.79
CA LEU A 330 12.92 27.25 20.03
C LEU A 330 12.10 27.24 21.30
N ARG A 331 10.97 26.55 21.25
CA ARG A 331 10.07 26.46 22.39
C ARG A 331 10.76 25.69 23.53
N PRO A 332 10.33 25.92 24.78
CA PRO A 332 11.01 25.28 25.91
C PRO A 332 10.86 23.77 25.95
N TYR A 333 9.64 23.26 25.82
CA TYR A 333 9.46 21.81 25.79
C TYR A 333 10.21 21.21 24.62
N GLN A 334 10.19 21.88 23.47
CA GLN A 334 11.01 21.46 22.35
C GLN A 334 12.48 21.53 22.72
N MET A 335 12.89 22.58 23.44
CA MET A 335 14.29 22.77 23.77
C MET A 335 14.82 21.61 24.61
N GLU A 336 14.04 21.18 25.60
CA GLU A 336 14.51 20.13 26.50
C GLU A 336 14.73 18.82 25.75
N VAL A 337 13.77 18.42 24.92
CA VAL A 337 13.92 17.17 24.17
C VAL A 337 15.05 17.30 23.15
N ALA A 338 15.21 18.48 22.54
CA ALA A 338 16.26 18.64 21.54
C ALA A 338 17.65 18.64 22.17
N GLN A 339 17.76 19.02 23.45
CA GLN A 339 19.07 19.17 24.07
C GLN A 339 19.96 17.93 23.94
N PRO A 340 19.49 16.72 24.24
CA PRO A 340 20.39 15.56 24.10
C PRO A 340 20.97 15.38 22.71
N ALA A 341 20.20 15.69 21.67
CA ALA A 341 20.71 15.50 20.31
C ALA A 341 21.86 16.45 20.00
N LEU A 342 21.86 17.64 20.61
CA LEU A 342 22.92 18.60 20.35
C LEU A 342 24.28 18.11 20.81
N ASP A 343 24.33 17.07 21.63
CA ASP A 343 25.58 16.55 22.17
C ASP A 343 26.10 15.35 21.39
N GLY A 344 25.52 15.06 20.23
CA GLY A 344 25.94 13.94 19.41
C GLY A 344 25.26 12.63 19.74
N LYS A 345 24.26 12.64 20.61
CA LYS A 345 23.51 11.44 20.94
C LYS A 345 22.49 11.13 19.85
N ASN A 346 22.47 9.90 19.36
CA ASN A 346 21.48 9.45 18.40
C ASN A 346 20.26 8.96 19.18
N ILE A 347 19.19 9.74 19.14
CA ILE A 347 18.03 9.52 19.98
C ILE A 347 16.77 9.50 19.11
N ILE A 348 15.63 9.35 19.78
CA ILE A 348 14.32 9.45 19.16
C ILE A 348 13.57 10.60 19.84
N ILE A 349 12.70 11.25 19.07
CA ILE A 349 11.96 12.40 19.58
C ILE A 349 10.51 12.29 19.14
N CYS A 350 9.63 11.89 20.04
CA CYS A 350 8.22 11.71 19.74
C CYS A 350 7.40 12.78 20.45
N LEU A 351 6.63 13.54 19.68
CA LEU A 351 5.80 14.59 20.21
C LEU A 351 4.40 14.49 19.61
N PRO A 352 3.37 14.89 20.36
CA PRO A 352 2.02 14.86 19.81
C PRO A 352 1.92 15.71 18.55
N THR A 353 0.99 15.34 17.68
CA THR A 353 0.78 16.10 16.46
C THR A 353 0.39 17.53 16.78
N GLY A 354 0.86 18.46 15.94
CA GLY A 354 0.58 19.85 16.14
C GLY A 354 1.61 20.60 16.97
N SER A 355 2.60 19.90 17.53
CA SER A 355 3.65 20.55 18.31
C SER A 355 4.78 21.08 17.44
N GLY A 356 4.70 20.89 16.13
CA GLY A 356 5.69 21.46 15.22
C GLY A 356 7.08 20.90 15.42
N LYS A 357 7.19 19.58 15.53
CA LYS A 357 8.50 18.97 15.67
C LYS A 357 9.38 19.19 14.45
N THR A 358 8.79 19.57 13.32
CA THR A 358 9.60 19.90 12.15
C THR A 358 10.55 21.05 12.46
N ARG A 359 10.06 22.07 13.15
CA ARG A 359 10.94 23.16 13.54
C ARG A 359 12.02 22.68 14.50
N VAL A 360 11.71 21.70 15.33
CA VAL A 360 12.73 21.11 16.19
C VAL A 360 13.82 20.46 15.34
N ALA A 361 13.41 19.74 14.29
CA ALA A 361 14.39 19.13 13.40
C ALA A 361 15.22 20.19 12.70
N VAL A 362 14.60 21.29 12.29
CA VAL A 362 15.34 22.36 11.63
C VAL A 362 16.36 22.95 12.58
N TYR A 363 15.97 23.18 13.84
CA TYR A 363 16.92 23.70 14.82
C TYR A 363 18.07 22.73 15.03
N ILE A 364 17.77 21.44 15.13
CA ILE A 364 18.83 20.44 15.29
C ILE A 364 19.78 20.50 14.11
N THR A 365 19.23 20.59 12.90
CA THR A 365 20.06 20.62 11.70
C THR A 365 20.97 21.85 11.70
N LYS A 366 20.39 23.02 11.99
CA LYS A 366 21.20 24.23 11.98
C LYS A 366 22.31 24.16 13.01
N ASP A 367 21.99 23.68 14.22
CA ASP A 367 23.01 23.57 15.25
C ASP A 367 24.11 22.61 14.85
N HIS A 368 23.73 21.45 14.30
CA HIS A 368 24.74 20.47 13.89
C HIS A 368 25.63 21.02 12.79
N LEU A 369 25.05 21.67 11.80
CA LEU A 369 25.86 22.21 10.71
C LEU A 369 26.76 23.34 11.20
N ASP A 370 26.26 24.17 12.12
CA ASP A 370 27.12 25.21 12.69
C ASP A 370 28.28 24.60 13.48
N LYS A 371 28.00 23.53 14.22
CA LYS A 371 29.07 22.87 14.97
C LYS A 371 30.12 22.31 14.01
N LYS A 372 29.68 21.69 12.91
CA LYS A 372 30.64 21.18 11.94
C LYS A 372 31.40 22.32 11.26
N LYS A 373 30.73 23.45 11.02
CA LYS A 373 31.41 24.61 10.47
C LYS A 373 32.52 25.08 11.41
N GLN A 374 32.21 25.15 12.71
CA GLN A 374 33.24 25.49 13.69
C GLN A 374 34.39 24.48 13.63
N ALA A 375 34.06 23.19 13.53
CA ALA A 375 35.08 22.17 13.35
C ALA A 375 35.58 22.09 11.92
N SER A 376 34.88 22.71 10.97
CA SER A 376 35.27 22.71 9.56
C SER A 376 35.40 21.27 9.03
N GLU A 377 34.26 20.58 9.02
CA GLU A 377 34.20 19.21 8.53
C GLU A 377 32.95 19.05 7.68
N SER A 378 32.79 17.86 7.11
CA SER A 378 31.70 17.58 6.19
C SER A 378 30.37 17.60 6.95
N GLY A 379 29.57 18.63 6.71
CA GLY A 379 28.26 18.73 7.32
C GLY A 379 27.16 18.38 6.32
N LYS A 380 26.55 17.22 6.50
CA LYS A 380 25.50 16.74 5.62
C LYS A 380 24.34 16.23 6.44
N VAL A 381 23.13 16.36 5.90
CA VAL A 381 21.93 15.81 6.49
C VAL A 381 21.07 15.23 5.39
N ILE A 382 20.52 14.05 5.65
CA ILE A 382 19.65 13.37 4.70
C ILE A 382 18.34 13.12 5.43
N VAL A 383 17.34 13.96 5.16
CA VAL A 383 16.03 13.80 5.74
C VAL A 383 15.23 12.81 4.90
N LEU A 384 14.68 11.79 5.55
CA LEU A 384 13.94 10.74 4.87
C LEU A 384 12.48 10.80 5.31
N VAL A 385 11.58 10.80 4.33
CA VAL A 385 10.14 10.80 4.59
C VAL A 385 9.51 9.75 3.68
N ASN A 386 8.57 9.00 4.24
CA ASN A 386 8.01 7.87 3.50
C ASN A 386 7.05 8.29 2.40
N LYS A 387 6.60 9.54 2.39
CA LYS A 387 5.68 10.03 1.37
C LYS A 387 6.26 11.25 0.67
N VAL A 388 6.05 11.32 -0.64
CA VAL A 388 6.58 12.45 -1.41
C VAL A 388 5.90 13.75 -0.99
N MET A 389 4.61 13.69 -0.66
CA MET A 389 3.91 14.88 -0.21
C MET A 389 4.63 15.53 0.97
N LEU A 390 5.14 14.72 1.88
CA LEU A 390 5.86 15.27 3.03
C LEU A 390 7.15 15.96 2.61
N ALA A 391 7.88 15.37 1.67
CA ALA A 391 9.11 16.01 1.21
C ALA A 391 8.80 17.34 0.55
N GLU A 392 7.78 17.38 -0.29
CA GLU A 392 7.40 18.64 -0.92
C GLU A 392 6.99 19.67 0.14
N GLN A 393 6.21 19.26 1.13
CA GLN A 393 5.78 20.22 2.15
C GLN A 393 6.97 20.74 2.95
N LEU A 394 7.91 19.86 3.29
CA LEU A 394 9.07 20.30 4.05
C LEU A 394 9.92 21.28 3.23
N PHE A 395 10.09 21.01 1.93
CA PHE A 395 10.81 21.95 1.09
C PHE A 395 10.08 23.29 1.02
N ARG A 396 8.75 23.25 0.95
CA ARG A 396 7.99 24.47 0.71
C ARG A 396 7.83 25.32 1.96
N LYS A 397 7.79 24.71 3.14
CA LYS A 397 7.30 25.42 4.32
C LYS A 397 8.31 25.58 5.44
N GLU A 398 9.10 24.55 5.75
CA GLU A 398 9.87 24.53 6.99
C GLU A 398 11.37 24.63 6.77
N PHE A 399 11.96 23.72 5.99
CA PHE A 399 13.42 23.70 5.88
C PHE A 399 13.93 24.86 5.03
N ASN A 400 13.51 24.92 3.78
CA ASN A 400 14.05 25.94 2.88
C ASN A 400 13.81 27.35 3.41
N PRO A 401 12.58 27.75 3.75
CA PRO A 401 12.39 29.14 4.19
C PRO A 401 13.28 29.54 5.35
N TYR A 402 13.49 28.65 6.30
CA TYR A 402 14.35 28.94 7.43
C TYR A 402 15.83 28.86 7.08
N LEU A 403 16.19 28.18 5.99
CA LEU A 403 17.59 28.04 5.60
C LEU A 403 17.83 28.49 4.17
N LYS A 404 17.02 29.44 3.65
CA LYS A 404 17.28 29.96 2.32
C LYS A 404 18.68 30.56 2.22
N LYS A 405 19.18 31.12 3.31
CA LYS A 405 20.36 31.98 3.24
C LYS A 405 21.67 31.20 3.36
N TRP A 406 21.84 30.46 4.46
CA TRP A 406 23.15 29.91 4.76
C TRP A 406 23.50 28.73 3.85
N TYR A 407 22.69 27.69 3.87
CA TYR A 407 23.07 26.41 3.29
C TYR A 407 22.29 26.10 2.03
N ARG A 408 22.76 25.08 1.33
CA ARG A 408 22.11 24.58 0.13
C ARG A 408 21.05 23.55 0.51
N ILE A 409 19.94 23.57 -0.20
CA ILE A 409 18.84 22.64 0.07
C ILE A 409 18.23 22.18 -1.25
N ILE A 410 17.67 20.98 -1.23
CA ILE A 410 17.06 20.40 -2.43
C ILE A 410 15.94 19.47 -2.00
N GLY A 411 14.78 19.59 -2.64
CA GLY A 411 13.62 18.76 -2.34
C GLY A 411 13.54 17.55 -3.25
N LEU A 412 14.44 16.59 -3.06
CA LEU A 412 14.50 15.45 -3.95
C LEU A 412 13.29 14.54 -3.78
N SER A 413 12.89 13.88 -4.87
CA SER A 413 11.83 12.90 -4.84
C SER A 413 11.87 12.12 -6.14
N GLY A 414 11.09 11.03 -6.20
CA GLY A 414 11.08 10.20 -7.39
C GLY A 414 10.17 10.74 -8.47
N ASP A 415 9.11 11.45 -8.10
CA ASP A 415 8.19 11.99 -9.10
C ASP A 415 8.74 13.26 -9.75
N THR A 416 9.54 14.04 -9.04
CA THR A 416 10.09 15.26 -9.61
C THR A 416 11.27 14.91 -10.51
N GLN A 417 11.22 15.38 -11.76
CA GLN A 417 12.30 15.16 -12.70
C GLN A 417 13.45 16.12 -12.38
N LEU A 418 14.60 15.58 -12.01
CA LEU A 418 15.80 16.35 -11.78
C LEU A 418 16.71 16.20 -13.00
N LYS A 419 17.82 16.95 -13.01
CA LYS A 419 18.77 16.87 -14.10
C LYS A 419 20.14 16.35 -13.66
N ILE A 420 20.38 16.24 -12.36
CA ILE A 420 21.65 15.77 -11.83
C ILE A 420 21.41 14.55 -10.97
N SER A 421 22.27 13.55 -11.11
CA SER A 421 22.09 12.28 -10.42
C SER A 421 22.19 12.48 -8.91
N PHE A 422 22.03 11.39 -8.16
CA PHE A 422 21.99 11.47 -6.71
C PHE A 422 23.39 11.58 -6.10
N PRO A 423 24.38 10.81 -6.57
CA PRO A 423 25.72 10.97 -6.00
C PRO A 423 26.24 12.39 -6.10
N GLU A 424 25.97 13.08 -7.21
CA GLU A 424 26.37 14.48 -7.32
C GLU A 424 25.61 15.34 -6.32
N VAL A 425 24.32 15.04 -6.12
CA VAL A 425 23.56 15.76 -5.10
C VAL A 425 24.18 15.56 -3.73
N VAL A 426 24.78 14.40 -3.49
CA VAL A 426 25.50 14.19 -2.24
C VAL A 426 26.78 15.02 -2.22
N LYS A 427 27.48 15.08 -3.35
CA LYS A 427 28.69 15.89 -3.45
C LYS A 427 28.39 17.38 -3.33
N SER A 428 27.13 17.78 -3.41
CA SER A 428 26.73 19.17 -3.25
C SER A 428 25.51 19.20 -2.34
N TYR A 429 24.80 20.32 -2.30
CA TYR A 429 23.50 20.38 -1.62
C TYR A 429 23.60 19.86 -0.19
N ASP A 430 24.34 20.62 0.63
CA ASP A 430 24.61 20.23 2.01
C ASP A 430 23.42 19.57 2.70
N VAL A 431 22.25 20.22 2.66
CA VAL A 431 21.04 19.70 3.28
C VAL A 431 20.16 19.07 2.21
N ILE A 432 19.65 17.88 2.48
CA ILE A 432 18.90 17.11 1.49
C ILE A 432 17.59 16.65 2.11
N ILE A 433 16.50 16.85 1.39
CA ILE A 433 15.20 16.27 1.71
C ILE A 433 14.85 15.30 0.59
N SER A 434 14.63 14.04 0.95
CA SER A 434 14.48 13.02 -0.08
C SER A 434 13.46 12.00 0.40
N THR A 435 13.45 10.85 -0.27
CA THR A 435 12.60 9.74 0.10
C THR A 435 13.50 8.51 0.25
N ALA A 436 13.11 7.62 1.16
CA ALA A 436 14.03 6.57 1.58
C ALA A 436 14.48 5.72 0.39
N GLN A 437 13.52 5.27 -0.42
CA GLN A 437 13.89 4.27 -1.42
C GLN A 437 14.85 4.82 -2.46
N ILE A 438 14.93 6.14 -2.62
CA ILE A 438 15.93 6.71 -3.52
C ILE A 438 17.33 6.47 -2.96
N LEU A 439 17.53 6.77 -1.69
CA LEU A 439 18.81 6.49 -1.06
C LEU A 439 19.11 5.00 -1.05
N GLU A 440 18.09 4.18 -0.82
CA GLU A 440 18.31 2.74 -0.85
C GLU A 440 18.74 2.28 -2.25
N ASN A 441 18.13 2.82 -3.29
CA ASN A 441 18.53 2.47 -4.64
C ASN A 441 19.97 2.87 -4.92
N SER A 442 20.36 4.06 -4.46
CA SER A 442 21.74 4.49 -4.66
C SER A 442 22.71 3.57 -3.92
N LEU A 443 22.37 3.17 -2.70
CA LEU A 443 23.23 2.25 -1.96
C LEU A 443 23.34 0.91 -2.67
N LEU A 444 22.22 0.41 -3.19
CA LEU A 444 22.26 -0.84 -3.95
C LEU A 444 23.15 -0.70 -5.17
N ASN A 445 23.05 0.42 -5.88
CA ASN A 445 23.91 0.64 -7.03
C ASN A 445 25.37 0.62 -6.62
N LEU A 446 25.69 1.25 -5.49
CA LEU A 446 27.04 1.13 -4.96
C LEU A 446 27.42 -0.33 -4.77
N GLU A 447 26.54 -1.11 -4.15
CA GLU A 447 26.82 -2.54 -3.98
C GLU A 447 26.88 -3.26 -5.32
N SER A 448 26.17 -2.77 -6.32
CA SER A 448 26.17 -3.37 -7.65
C SER A 448 27.27 -2.72 -8.49
N GLY A 449 27.26 -3.00 -9.79
CA GLY A 449 28.24 -2.47 -10.71
C GLY A 449 27.81 -1.25 -11.49
N ASP A 450 26.71 -0.60 -11.11
CA ASP A 450 26.28 0.59 -11.82
C ASP A 450 27.25 1.75 -11.66
N ASP A 451 28.15 1.68 -10.68
CA ASP A 451 29.22 2.63 -10.42
C ASP A 451 28.72 3.92 -9.79
N ASP A 452 27.42 4.11 -9.62
CA ASP A 452 26.90 5.26 -8.88
C ASP A 452 26.94 4.94 -7.40
N GLY A 453 27.84 5.61 -6.68
CA GLY A 453 28.15 5.25 -5.31
C GLY A 453 27.66 6.28 -4.31
N VAL A 454 27.34 5.80 -3.12
CA VAL A 454 27.02 6.66 -1.99
C VAL A 454 27.05 5.80 -0.74
N GLN A 455 27.49 6.38 0.38
CA GLN A 455 27.60 5.64 1.62
C GLN A 455 27.12 6.50 2.77
N LEU A 456 26.64 5.84 3.83
CA LEU A 456 26.23 6.60 5.00
C LEU A 456 27.40 7.34 5.62
N SER A 457 28.63 6.89 5.38
CA SER A 457 29.79 7.62 5.87
C SER A 457 29.83 9.02 5.29
N ASP A 458 29.31 9.19 4.08
CA ASP A 458 29.30 10.52 3.47
C ASP A 458 28.48 11.50 4.29
N PHE A 459 27.34 11.05 4.79
CA PHE A 459 26.50 11.91 5.63
C PHE A 459 27.05 11.96 7.04
N SER A 460 26.75 13.05 7.73
CA SER A 460 27.11 13.21 9.13
C SER A 460 25.91 13.19 10.06
N LEU A 461 24.70 13.16 9.51
CA LEU A 461 23.48 13.12 10.32
C LEU A 461 22.35 12.62 9.45
N ILE A 462 21.46 11.85 10.07
CA ILE A 462 20.30 11.29 9.38
C ILE A 462 19.07 11.60 10.21
N ILE A 463 18.05 12.13 9.55
CA ILE A 463 16.79 12.48 10.19
C ILE A 463 15.68 11.67 9.55
N ILE A 464 14.86 11.03 10.37
CA ILE A 464 13.82 10.13 9.90
C ILE A 464 12.48 10.57 10.45
N ASP A 465 11.48 10.63 9.59
CA ASP A 465 10.12 10.97 9.99
C ASP A 465 9.26 9.72 9.98
N GLU A 466 8.33 9.66 10.94
CA GLU A 466 7.50 8.48 11.16
C GLU A 466 8.39 7.25 11.37
N CYS A 467 9.13 7.27 12.47
CA CYS A 467 10.01 6.16 12.80
C CYS A 467 9.26 4.88 13.13
N HIS A 468 7.98 4.97 13.46
CA HIS A 468 7.24 3.77 13.83
C HIS A 468 7.21 2.75 12.70
N HIS A 469 7.50 3.18 11.47
CA HIS A 469 7.55 2.25 10.34
C HIS A 469 8.84 1.47 10.28
N THR A 470 9.79 1.72 11.19
CA THR A 470 11.05 0.99 11.21
C THR A 470 10.96 -0.20 12.17
N ASN A 471 10.03 -1.12 11.85
CA ASN A 471 9.78 -2.29 12.68
C ASN A 471 10.02 -3.60 11.98
N LYS A 472 10.03 -3.61 10.65
CA LYS A 472 10.19 -4.84 9.87
C LYS A 472 11.15 -4.51 8.74
N GLU A 473 11.15 -5.32 7.68
CA GLU A 473 12.09 -5.13 6.59
C GLU A 473 11.67 -4.00 5.64
N ALA A 474 10.89 -3.03 6.11
CA ALA A 474 10.60 -1.84 5.32
C ALA A 474 11.84 -1.03 4.98
N VAL A 475 11.68 0.04 4.21
CA VAL A 475 12.83 0.76 3.67
C VAL A 475 13.69 1.35 4.78
N TYR A 476 13.07 1.96 5.79
CA TYR A 476 13.86 2.55 6.86
C TYR A 476 14.72 1.51 7.53
N ASN A 477 14.12 0.36 7.86
CA ASN A 477 14.89 -0.67 8.54
C ASN A 477 15.93 -1.27 7.60
N ASN A 478 15.61 -1.35 6.31
CA ASN A 478 16.58 -1.88 5.36
C ASN A 478 17.79 -0.96 5.27
N ILE A 479 17.58 0.35 5.38
CA ILE A 479 18.70 1.29 5.41
C ILE A 479 19.47 1.14 6.71
N MET A 480 18.76 1.10 7.84
CA MET A 480 19.44 1.12 9.12
C MET A 480 20.14 -0.20 9.45
N ARG A 481 19.74 -1.31 8.85
CA ARG A 481 20.45 -2.56 9.12
C ARG A 481 21.87 -2.50 8.59
N ARG A 482 22.08 -1.84 7.46
CA ARG A 482 23.44 -1.64 6.98
C ARG A 482 24.25 -0.83 7.98
N TYR A 483 23.64 0.21 8.55
CA TYR A 483 24.34 1.00 9.55
C TYR A 483 24.68 0.16 10.77
N LEU A 484 23.77 -0.70 11.20
CA LEU A 484 24.05 -1.55 12.36
C LEU A 484 25.20 -2.50 12.06
N LYS A 485 25.19 -3.13 10.90
CA LYS A 485 26.27 -4.04 10.55
C LYS A 485 27.59 -3.30 10.53
N GLN A 486 27.62 -2.10 9.93
CA GLN A 486 28.84 -1.31 9.90
C GLN A 486 29.28 -0.92 11.31
N LYS A 487 28.33 -0.65 12.20
CA LYS A 487 28.69 -0.31 13.57
C LYS A 487 29.33 -1.48 14.29
N LEU A 488 28.80 -2.69 14.09
CA LEU A 488 29.44 -3.86 14.70
C LEU A 488 30.83 -4.08 14.15
N ARG A 489 31.01 -3.93 12.83
CA ARG A 489 32.34 -4.05 12.26
C ARG A 489 33.26 -2.99 12.84
N ASN A 490 32.74 -1.79 13.07
CA ASN A 490 33.56 -0.73 13.65
C ASN A 490 33.97 -1.07 15.07
N ASN A 491 33.07 -1.67 15.85
CA ASN A 491 33.45 -2.08 17.20
C ASN A 491 34.55 -3.14 17.16
N ASP A 492 34.42 -4.12 16.26
CA ASP A 492 35.46 -5.14 16.14
C ASP A 492 36.79 -4.51 15.74
N LEU A 493 36.76 -3.59 14.78
CA LEU A 493 37.99 -2.91 14.37
C LEU A 493 38.60 -2.15 15.53
N LYS A 494 37.78 -1.37 16.26
CA LYS A 494 38.28 -0.64 17.40
C LYS A 494 39.00 -1.57 18.38
N LYS A 495 38.34 -2.67 18.74
CA LYS A 495 38.94 -3.57 19.72
C LYS A 495 40.23 -4.19 19.19
N GLN A 496 40.25 -4.61 17.92
CA GLN A 496 41.43 -5.28 17.35
C GLN A 496 42.29 -4.38 16.48
N ASN A 497 41.84 -3.17 16.16
CA ASN A 497 42.55 -2.33 15.21
C ASN A 497 42.40 -0.87 15.61
N LYS A 498 43.25 -0.03 15.03
CA LYS A 498 43.24 1.40 15.36
C LYS A 498 42.13 2.14 14.63
N PRO A 499 42.04 2.05 13.30
CA PRO A 499 41.05 2.85 12.57
C PRO A 499 39.65 2.25 12.63
N ALA A 500 38.66 3.14 12.65
CA ALA A 500 37.26 2.75 12.61
C ALA A 500 36.53 3.64 11.62
N ILE A 501 35.75 3.02 10.74
CA ILE A 501 35.03 3.80 9.72
C ILE A 501 34.02 4.71 10.42
N PRO A 502 34.00 6.00 10.12
CA PRO A 502 33.06 6.90 10.80
C PRO A 502 31.62 6.57 10.46
N LEU A 503 30.73 6.86 11.41
CA LEU A 503 29.30 6.67 11.23
C LEU A 503 28.57 7.92 11.68
N PRO A 504 27.40 8.20 11.09
CA PRO A 504 26.72 9.47 11.38
C PRO A 504 25.79 9.41 12.57
N GLN A 505 25.44 10.59 13.08
CA GLN A 505 24.39 10.70 14.07
C GLN A 505 23.04 10.37 13.44
N ILE A 506 22.13 9.90 14.27
CA ILE A 506 20.83 9.43 13.79
C ILE A 506 19.74 10.00 14.68
N LEU A 507 18.92 10.87 14.11
CA LEU A 507 17.78 11.42 14.81
C LEU A 507 16.53 10.62 14.42
N GLY A 508 15.50 10.72 15.24
CA GLY A 508 14.27 10.00 14.98
C GLY A 508 13.05 10.77 15.41
N LEU A 509 12.09 10.93 14.52
CA LEU A 509 10.87 11.67 14.78
C LEU A 509 9.67 10.79 14.53
N THR A 510 8.65 10.93 15.37
CA THR A 510 7.42 10.16 15.19
C THR A 510 6.33 10.74 16.07
N ALA A 511 5.11 10.75 15.53
CA ALA A 511 3.96 11.21 16.33
C ALA A 511 3.77 10.31 17.54
N SER A 512 3.91 9.00 17.35
CA SER A 512 3.80 8.05 18.44
C SER A 512 4.56 6.79 18.06
N PRO A 513 5.37 6.23 18.97
CA PRO A 513 6.12 5.03 18.59
C PRO A 513 5.22 3.89 18.18
N GLY A 514 4.00 3.86 18.68
CA GLY A 514 3.06 2.82 18.31
C GLY A 514 3.38 1.51 18.98
N VAL A 515 2.36 0.66 19.10
CA VAL A 515 2.49 -0.67 19.66
C VAL A 515 1.81 -1.65 18.71
N GLY A 516 2.46 -2.76 18.42
CA GLY A 516 1.93 -3.72 17.47
C GLY A 516 1.94 -5.14 17.98
N ALA A 517 0.82 -5.83 17.83
CA ALA A 517 0.68 -7.22 18.25
C ALA A 517 1.09 -7.38 19.72
N ALA A 518 0.62 -6.46 20.54
CA ALA A 518 0.95 -6.45 21.96
C ALA A 518 -0.27 -6.78 22.79
N LYS A 519 -0.18 -7.72 23.72
CA LYS A 519 -1.27 -7.96 24.64
C LYS A 519 -0.82 -7.63 26.09
N LYS A 520 0.47 -7.36 26.34
CA LYS A 520 0.95 -7.14 27.70
C LYS A 520 2.01 -6.07 27.68
N GLN A 521 2.25 -5.46 28.84
CA GLN A 521 3.30 -4.47 28.95
C GLN A 521 4.64 -5.04 28.49
N SER A 522 4.87 -6.34 28.73
CA SER A 522 6.13 -6.94 28.31
C SER A 522 6.26 -6.93 26.79
N GLU A 523 5.20 -7.28 26.08
CA GLU A 523 5.27 -7.29 24.62
C GLU A 523 5.43 -5.88 24.05
N ALA A 524 4.72 -4.90 24.63
CA ALA A 524 4.88 -3.52 24.17
C ALA A 524 6.30 -3.03 24.41
N GLU A 525 6.86 -3.34 25.58
CA GLU A 525 8.23 -2.94 25.86
C GLU A 525 9.20 -3.63 24.91
N LYS A 526 8.95 -4.90 24.58
CA LYS A 526 9.80 -5.56 23.60
C LYS A 526 9.70 -4.86 22.24
N HIS A 527 8.50 -4.42 21.87
CA HIS A 527 8.35 -3.71 20.61
C HIS A 527 9.13 -2.40 20.63
N ILE A 528 9.06 -1.66 21.73
CA ILE A 528 9.78 -0.40 21.82
C ILE A 528 11.28 -0.65 21.74
N LEU A 529 11.77 -1.68 22.43
CA LEU A 529 13.19 -1.99 22.38
C LEU A 529 13.59 -2.38 20.96
N ASN A 530 12.72 -3.10 20.26
CA ASN A 530 13.02 -3.47 18.88
C ASN A 530 13.15 -2.24 18.00
N ILE A 531 12.24 -1.27 18.18
CA ILE A 531 12.32 -0.04 17.40
C ILE A 531 13.62 0.69 17.71
N CYS A 532 13.98 0.78 19.00
CA CYS A 532 15.21 1.46 19.36
C CYS A 532 16.42 0.77 18.74
N ALA A 533 16.46 -0.56 18.80
CA ALA A 533 17.58 -1.28 18.21
C ALA A 533 17.65 -1.05 16.71
N ASN A 534 16.49 -1.04 16.04
CA ASN A 534 16.49 -0.79 14.61
C ASN A 534 17.01 0.60 14.31
N LEU A 535 16.71 1.56 15.17
CA LEU A 535 17.22 2.92 15.01
C LEU A 535 18.53 3.17 15.75
N ASP A 536 19.02 2.20 16.52
CA ASP A 536 20.24 2.37 17.30
C ASP A 536 20.13 3.62 18.17
N ALA A 537 18.95 3.85 18.75
CA ALA A 537 18.74 5.01 19.58
C ALA A 537 19.43 4.82 20.93
N PHE A 538 19.74 5.94 21.58
CA PHE A 538 20.29 5.92 22.93
C PHE A 538 19.20 5.93 23.97
N THR A 539 18.20 6.80 23.81
CA THR A 539 17.07 6.85 24.72
C THR A 539 15.90 7.48 23.98
N ILE A 540 14.70 7.18 24.46
CA ILE A 540 13.52 7.90 24.01
C ILE A 540 13.46 9.24 24.76
N LYS A 541 12.75 10.19 24.18
CA LYS A 541 12.61 11.51 24.79
C LYS A 541 11.18 11.99 24.62
N THR A 542 10.56 12.40 25.73
CA THR A 542 9.26 13.03 25.74
C THR A 542 9.33 14.25 26.64
N VAL A 543 8.21 14.95 26.75
CA VAL A 543 8.11 16.13 27.61
C VAL A 543 7.28 15.73 28.81
N LYS A 544 7.92 15.65 29.97
CA LYS A 544 7.25 15.31 31.22
C LYS A 544 7.32 16.42 32.25
N GLU A 545 7.86 17.58 31.88
CA GLU A 545 7.95 18.73 32.78
C GLU A 545 7.21 19.95 32.25
N ASN A 546 7.32 20.25 30.96
CA ASN A 546 6.56 21.33 30.35
C ASN A 546 5.32 20.81 29.62
N LEU A 547 4.40 20.19 30.38
CA LEU A 547 3.16 19.72 29.79
C LEU A 547 2.09 20.79 29.75
N GLY A 548 2.27 21.88 30.48
CA GLY A 548 1.25 22.92 30.57
C GLY A 548 0.94 23.58 29.25
N GLN A 549 1.93 24.29 28.70
CA GLN A 549 1.71 24.95 27.41
C GLN A 549 1.43 23.94 26.31
N LEU A 550 1.91 22.71 26.46
CA LEU A 550 1.60 21.69 25.46
C LEU A 550 0.11 21.36 25.45
N LYS A 551 -0.47 21.12 26.62
CA LYS A 551 -1.91 20.94 26.70
C LYS A 551 -2.65 22.19 26.26
N HIS A 552 -2.08 23.36 26.54
CA HIS A 552 -2.71 24.60 26.11
C HIS A 552 -2.80 24.67 24.59
N GLN A 553 -1.74 24.28 23.90
CA GLN A 553 -1.71 24.36 22.44
C GLN A 553 -2.41 23.17 21.79
N ILE A 554 -2.28 21.97 22.37
CA ILE A 554 -2.83 20.76 21.80
C ILE A 554 -4.10 20.39 22.56
N LYS A 555 -5.18 20.13 21.83
CA LYS A 555 -6.45 19.76 22.44
C LYS A 555 -7.17 18.72 21.58
N LYS A 560 -15.68 9.73 22.05
CA LYS A 560 -17.11 9.58 21.87
C LYS A 560 -17.41 8.56 20.77
N PHE A 561 -18.18 7.53 21.12
CA PHE A 561 -18.67 6.57 20.14
C PHE A 561 -20.18 6.65 20.09
N VAL A 562 -20.73 6.80 18.88
CA VAL A 562 -22.16 6.88 18.64
C VAL A 562 -22.53 5.82 17.63
N ILE A 563 -23.51 4.99 17.96
CA ILE A 563 -23.94 3.89 17.12
C ILE A 563 -25.45 4.00 16.92
N ALA A 564 -25.90 3.71 15.70
CA ALA A 564 -27.33 3.74 15.39
C ALA A 564 -27.87 2.32 15.32
N ASN A 570 -33.53 -7.31 2.24
CA ASN A 570 -33.48 -8.58 2.96
C ASN A 570 -33.96 -9.75 2.09
N PRO A 571 -35.18 -9.66 1.52
CA PRO A 571 -35.63 -10.75 0.64
C PRO A 571 -34.72 -10.95 -0.56
N PHE A 572 -34.12 -9.88 -1.07
CA PHE A 572 -33.13 -9.99 -2.14
C PHE A 572 -31.99 -10.91 -1.72
N LYS A 573 -31.54 -10.77 -0.48
CA LYS A 573 -30.47 -11.62 0.03
C LYS A 573 -30.84 -13.10 -0.06
N GLU A 574 -32.02 -13.47 0.46
CA GLU A 574 -32.39 -14.88 0.47
C GLU A 574 -32.64 -15.39 -0.95
N LYS A 575 -33.18 -14.55 -1.81
CA LYS A 575 -33.34 -14.89 -3.23
C LYS A 575 -32.00 -15.24 -3.88
N LEU A 576 -30.99 -14.39 -3.69
CA LEU A 576 -29.67 -14.68 -4.22
C LEU A 576 -29.05 -15.92 -3.56
N LEU A 577 -29.27 -16.10 -2.26
CA LEU A 577 -28.78 -17.32 -1.60
C LEU A 577 -29.43 -18.56 -2.19
N GLU A 578 -30.71 -18.48 -2.55
CA GLU A 578 -31.36 -19.60 -3.23
C GLU A 578 -30.64 -19.94 -4.53
N ILE A 579 -30.31 -18.92 -5.32
CA ILE A 579 -29.57 -19.18 -6.56
C ILE A 579 -28.22 -19.81 -6.26
N MET A 580 -27.55 -19.34 -5.21
CA MET A 580 -26.25 -19.90 -4.85
C MET A 580 -26.36 -21.37 -4.47
N ALA A 581 -27.38 -21.70 -3.67
CA ALA A 581 -27.58 -23.11 -3.31
C ALA A 581 -27.89 -23.93 -4.55
N SER A 582 -28.67 -23.38 -5.47
CA SER A 582 -29.00 -24.12 -6.69
C SER A 582 -27.73 -24.42 -7.49
N ILE A 583 -26.86 -23.43 -7.63
CA ILE A 583 -25.64 -23.67 -8.40
C ILE A 583 -24.72 -24.65 -7.66
N GLN A 584 -24.68 -24.59 -6.33
CA GLN A 584 -23.92 -25.58 -5.58
C GLN A 584 -24.42 -26.98 -5.87
N THR A 585 -25.75 -27.16 -5.85
CA THR A 585 -26.31 -28.47 -6.18
C THR A 585 -25.94 -28.87 -7.60
N TYR A 586 -25.97 -27.91 -8.54
CA TYR A 586 -25.57 -28.20 -9.90
C TYR A 586 -24.11 -28.62 -9.99
N CYS A 587 -23.29 -28.20 -9.03
CA CYS A 587 -21.86 -28.45 -9.06
C CYS A 587 -21.39 -29.49 -8.04
N GLN A 588 -22.27 -29.96 -7.16
CA GLN A 588 -21.89 -30.92 -6.12
C GLN A 588 -20.75 -30.37 -5.27
N LYS A 589 -20.89 -29.12 -4.83
CA LYS A 589 -19.88 -28.42 -4.06
C LYS A 589 -20.31 -28.32 -2.60
N SER A 590 -19.39 -28.68 -1.70
CA SER A 590 -19.65 -28.58 -0.27
C SER A 590 -18.97 -27.34 0.27
N PRO A 591 -19.69 -26.27 0.60
CA PRO A 591 -19.00 -25.05 1.04
C PRO A 591 -18.24 -25.20 2.33
N MET A 592 -18.76 -25.98 3.29
CA MET A 592 -18.19 -26.17 4.61
C MET A 592 -18.33 -24.92 5.49
N SER A 593 -18.84 -23.82 4.94
CA SER A 593 -18.97 -22.58 5.69
C SER A 593 -20.26 -21.90 5.23
N ASP A 594 -20.46 -20.67 5.71
CA ASP A 594 -21.66 -19.91 5.40
C ASP A 594 -21.38 -18.95 4.25
N PHE A 595 -22.39 -18.18 3.88
CA PHE A 595 -22.32 -17.24 2.78
C PHE A 595 -22.14 -15.83 3.32
N GLY A 596 -21.19 -15.09 2.77
CA GLY A 596 -20.93 -13.74 3.21
C GLY A 596 -19.76 -13.66 4.18
N THR A 597 -18.70 -14.40 3.89
CA THR A 597 -17.52 -14.40 4.73
C THR A 597 -16.31 -14.70 3.86
N GLN A 598 -15.13 -14.33 4.39
CA GLN A 598 -13.90 -14.59 3.67
C GLN A 598 -13.61 -16.09 3.57
N HIS A 599 -14.18 -16.90 4.46
CA HIS A 599 -13.95 -18.34 4.39
C HIS A 599 -14.46 -18.91 3.07
N TYR A 600 -15.70 -18.54 2.71
CA TYR A 600 -16.27 -19.04 1.47
C TYR A 600 -15.47 -18.58 0.26
N GLU A 601 -15.05 -17.32 0.26
CA GLU A 601 -14.25 -16.81 -0.84
C GLU A 601 -12.93 -17.54 -0.95
N GLN A 602 -12.26 -17.77 0.18
CA GLN A 602 -10.99 -18.49 0.14
C GLN A 602 -11.19 -19.91 -0.36
N TRP A 603 -12.26 -20.58 0.07
CA TRP A 603 -12.53 -21.91 -0.44
C TRP A 603 -12.79 -21.88 -1.93
N ALA A 604 -13.50 -20.85 -2.41
CA ALA A 604 -13.75 -20.72 -3.84
C ALA A 604 -12.45 -20.58 -4.61
N ILE A 605 -11.53 -19.77 -4.09
CA ILE A 605 -10.23 -19.61 -4.76
C ILE A 605 -9.46 -20.93 -4.77
N GLN A 606 -9.48 -21.65 -3.64
CA GLN A 606 -8.76 -22.91 -3.57
C GLN A 606 -9.33 -23.91 -4.56
N MET A 607 -10.66 -23.97 -4.66
CA MET A 607 -11.29 -24.90 -5.60
C MET A 607 -11.04 -24.48 -7.04
N GLU A 608 -10.96 -23.17 -7.29
CA GLU A 608 -10.58 -22.68 -8.61
C GLU A 608 -9.18 -23.16 -8.97
N LYS A 609 -8.24 -23.04 -8.03
CA LYS A 609 -6.89 -23.55 -8.26
C LYS A 609 -6.91 -25.05 -8.55
N LYS A 610 -7.65 -25.81 -7.74
CA LYS A 610 -7.72 -27.25 -7.95
C LYS A 610 -8.28 -27.59 -9.32
N ALA A 611 -9.35 -26.89 -9.72
CA ALA A 611 -9.94 -27.13 -11.02
C ALA A 611 -8.95 -26.83 -12.13
N ALA A 612 -8.21 -25.73 -12.02
CA ALA A 612 -7.15 -25.44 -12.98
C ALA A 612 -6.12 -26.56 -13.01
N LYS A 613 -5.87 -27.21 -11.86
CA LYS A 613 -4.98 -28.34 -11.82
C LYS A 613 -5.59 -29.60 -12.42
N ASP A 614 -6.90 -29.62 -12.64
CA ASP A 614 -7.58 -30.77 -13.23
C ASP A 614 -8.00 -30.53 -14.66
N GLY A 615 -8.00 -29.29 -15.13
CA GLY A 615 -8.45 -29.01 -16.49
C GLY A 615 -9.90 -29.37 -16.72
N ASN A 616 -10.75 -29.13 -15.74
CA ASN A 616 -12.16 -29.46 -15.83
C ASN A 616 -13.02 -28.20 -15.78
N ARG A 617 -14.24 -28.32 -16.28
CA ARG A 617 -15.21 -27.24 -16.28
C ARG A 617 -16.20 -27.40 -15.13
N LYS A 618 -17.10 -26.43 -15.01
CA LYS A 618 -18.11 -26.37 -13.96
C LYS A 618 -17.50 -26.26 -12.56
N ASP A 619 -16.18 -26.22 -12.45
CA ASP A 619 -15.50 -26.02 -11.18
C ASP A 619 -14.77 -24.69 -11.15
N ARG A 620 -13.89 -24.45 -12.14
CA ARG A 620 -13.22 -23.17 -12.22
C ARG A 620 -14.19 -22.05 -12.56
N VAL A 621 -14.98 -22.23 -13.61
CA VAL A 621 -15.91 -21.19 -14.03
C VAL A 621 -16.91 -20.91 -12.93
N CYS A 622 -17.47 -21.97 -12.35
CA CYS A 622 -18.39 -21.81 -11.23
C CYS A 622 -17.68 -21.24 -10.02
N ALA A 623 -16.39 -21.52 -9.85
CA ALA A 623 -15.64 -20.89 -8.77
C ALA A 623 -15.61 -19.38 -8.94
N GLU A 624 -15.34 -18.91 -10.17
CA GLU A 624 -15.33 -17.46 -10.39
C GLU A 624 -16.71 -16.87 -10.17
N HIS A 625 -17.75 -17.55 -10.66
CA HIS A 625 -19.10 -17.01 -10.50
C HIS A 625 -19.49 -16.94 -9.04
N LEU A 626 -19.14 -17.96 -8.25
CA LEU A 626 -19.42 -17.92 -6.82
C LEU A 626 -18.59 -16.86 -6.12
N ARG A 627 -17.36 -16.63 -6.56
CA ARG A 627 -16.59 -15.50 -6.06
C ARG A 627 -17.37 -14.20 -6.25
N LYS A 628 -17.87 -13.99 -7.47
CA LYS A 628 -18.62 -12.77 -7.74
C LYS A 628 -19.87 -12.68 -6.89
N TYR A 629 -20.57 -13.79 -6.72
CA TYR A 629 -21.79 -13.79 -5.90
C TYR A 629 -21.47 -13.48 -4.44
N ASN A 630 -20.40 -14.06 -3.91
CA ASN A 630 -20.03 -13.78 -2.53
C ASN A 630 -19.63 -12.31 -2.36
N GLU A 631 -18.92 -11.76 -3.34
CA GLU A 631 -18.61 -10.33 -3.29
C GLU A 631 -19.89 -9.51 -3.29
N ALA A 632 -20.86 -9.90 -4.11
CA ALA A 632 -22.14 -9.20 -4.15
C ALA A 632 -22.81 -9.25 -2.79
N LEU A 633 -22.81 -10.42 -2.15
CA LEU A 633 -23.41 -10.55 -0.83
C LEU A 633 -22.72 -9.65 0.17
N GLN A 634 -21.38 -9.65 0.16
CA GLN A 634 -20.65 -8.85 1.14
C GLN A 634 -20.93 -7.37 0.96
N ILE A 635 -20.93 -6.87 -0.28
CA ILE A 635 -21.20 -5.46 -0.50
C ILE A 635 -22.63 -5.12 -0.14
N ASN A 636 -23.57 -6.03 -0.43
CA ASN A 636 -24.96 -5.79 -0.07
C ASN A 636 -25.13 -5.70 1.43
N ASP A 637 -24.36 -6.49 2.18
CA ASP A 637 -24.45 -6.45 3.63
C ASP A 637 -24.18 -5.05 4.18
N THR A 638 -23.41 -4.24 3.45
CA THR A 638 -23.10 -2.87 3.89
C THR A 638 -23.52 -1.81 2.89
N ILE A 639 -23.86 -2.18 1.65
CA ILE A 639 -24.21 -1.23 0.61
C ILE A 639 -25.57 -1.59 0.05
N ARG A 640 -26.24 -0.59 -0.52
CA ARG A 640 -27.53 -0.81 -1.16
C ARG A 640 -27.38 -1.87 -2.26
N MET A 641 -28.39 -2.76 -2.34
CA MET A 641 -28.32 -3.87 -3.28
C MET A 641 -28.30 -3.39 -4.73
N ILE A 642 -28.65 -2.13 -4.97
CA ILE A 642 -28.56 -1.59 -6.33
C ILE A 642 -27.13 -1.67 -6.83
N ASP A 643 -26.16 -1.44 -5.94
CA ASP A 643 -24.76 -1.53 -6.33
C ASP A 643 -24.36 -2.98 -6.62
N ALA A 644 -24.90 -3.94 -5.87
CA ALA A 644 -24.67 -5.33 -6.22
C ALA A 644 -25.25 -5.65 -7.59
N TYR A 645 -26.43 -5.09 -7.88
CA TYR A 645 -27.00 -5.25 -9.22
C TYR A 645 -26.07 -4.65 -10.27
N SER A 646 -25.50 -3.48 -10.00
CA SER A 646 -24.59 -2.88 -10.97
C SER A 646 -23.37 -3.76 -11.18
N HIS A 647 -22.81 -4.30 -10.10
CA HIS A 647 -21.65 -5.17 -10.21
C HIS A 647 -21.97 -6.38 -11.09
N LEU A 648 -23.09 -7.05 -10.79
CA LEU A 648 -23.45 -8.24 -11.56
C LEU A 648 -23.80 -7.89 -13.00
N GLU A 649 -24.43 -6.73 -13.21
CA GLU A 649 -24.77 -6.30 -14.56
C GLU A 649 -23.50 -6.07 -15.37
N THR A 650 -22.51 -5.40 -14.78
CA THR A 650 -21.25 -5.21 -15.48
C THR A 650 -20.61 -6.55 -15.81
N PHE A 651 -20.58 -7.46 -14.83
CA PHE A 651 -19.94 -8.75 -15.04
C PHE A 651 -20.61 -9.50 -16.19
N TYR A 652 -21.94 -9.61 -16.16
CA TYR A 652 -22.63 -10.42 -17.16
C TYR A 652 -22.71 -9.73 -18.51
N THR A 653 -22.75 -8.40 -18.55
CA THR A 653 -22.64 -7.72 -19.83
C THR A 653 -21.28 -7.95 -20.45
N ASP A 654 -20.22 -7.91 -19.65
CA ASP A 654 -18.91 -8.24 -20.18
C ASP A 654 -18.85 -9.67 -20.68
N GLU A 655 -19.49 -10.60 -19.95
CA GLU A 655 -19.55 -11.97 -20.42
C GLU A 655 -20.29 -12.08 -21.75
N LYS A 656 -21.40 -11.36 -21.89
CA LYS A 656 -22.15 -11.38 -23.14
C LYS A 656 -21.29 -10.84 -24.28
N GLU A 657 -20.56 -9.76 -24.03
CA GLU A 657 -19.69 -9.21 -25.07
C GLU A 657 -18.59 -10.21 -25.45
N LYS A 658 -18.01 -10.88 -24.45
CA LYS A 658 -16.99 -11.89 -24.73
C LYS A 658 -17.55 -12.99 -25.62
N LYS A 659 -18.72 -13.52 -25.26
CA LYS A 659 -19.29 -14.62 -26.03
C LYS A 659 -19.69 -14.16 -27.43
N PHE A 660 -20.19 -12.93 -27.55
CA PHE A 660 -20.55 -12.42 -28.86
C PHE A 660 -19.32 -12.27 -29.75
N ALA A 661 -18.22 -11.78 -29.18
CA ALA A 661 -16.98 -11.69 -29.95
C ALA A 661 -16.48 -13.08 -30.33
N VAL A 662 -16.63 -14.05 -29.44
CA VAL A 662 -16.25 -15.42 -29.74
C VAL A 662 -17.08 -15.95 -30.92
N LEU A 663 -18.37 -15.66 -30.92
CA LEU A 663 -19.22 -16.09 -32.03
C LEU A 663 -18.74 -15.50 -33.35
N ASN A 664 -18.33 -14.23 -33.32
CA ASN A 664 -17.77 -13.62 -34.52
C ASN A 664 -16.45 -14.28 -34.89
N ASP A 665 -16.12 -14.24 -36.17
CA ASP A 665 -14.90 -14.87 -36.67
C ASP A 665 -14.90 -16.36 -36.34
N LYS A 671 -20.38 -20.69 -30.45
CA LYS A 671 -21.22 -21.55 -29.63
C LYS A 671 -20.97 -21.29 -28.15
N LEU A 672 -21.91 -21.73 -27.32
CA LEU A 672 -21.83 -21.53 -25.87
C LEU A 672 -21.81 -22.88 -25.17
N ASP A 673 -20.98 -22.98 -24.14
CA ASP A 673 -20.88 -24.21 -23.37
C ASP A 673 -22.15 -24.40 -22.52
N GLU A 674 -22.40 -25.66 -22.15
CA GLU A 674 -23.58 -25.94 -21.33
C GLU A 674 -23.48 -25.23 -19.98
N THR A 675 -22.30 -25.16 -19.40
CA THR A 675 -22.13 -24.47 -18.12
C THR A 675 -22.43 -22.98 -18.27
N ASP A 676 -21.86 -22.36 -19.31
CA ASP A 676 -22.11 -20.94 -19.52
C ASP A 676 -23.58 -20.68 -19.79
N GLU A 677 -24.21 -21.52 -20.61
CA GLU A 677 -25.64 -21.39 -20.85
C GLU A 677 -26.41 -21.47 -19.55
N PHE A 678 -26.13 -22.49 -18.73
CA PHE A 678 -26.86 -22.68 -17.49
C PHE A 678 -26.74 -21.46 -16.59
N LEU A 679 -25.50 -20.99 -16.37
CA LEU A 679 -25.31 -19.87 -15.45
C LEU A 679 -25.93 -18.59 -15.98
N MET A 680 -25.72 -18.29 -17.26
CA MET A 680 -26.25 -17.05 -17.81
C MET A 680 -27.77 -17.06 -17.80
N ASN A 681 -28.39 -18.19 -18.12
CA ASN A 681 -29.85 -18.26 -18.08
C ASN A 681 -30.35 -18.19 -16.65
N LEU A 682 -29.63 -18.80 -15.70
CA LEU A 682 -30.02 -18.73 -14.30
C LEU A 682 -29.96 -17.29 -13.79
N PHE A 683 -29.08 -16.47 -14.36
CA PHE A 683 -29.02 -15.07 -13.94
C PHE A 683 -30.08 -14.22 -14.66
N PHE A 684 -30.06 -14.24 -16.00
CA PHE A 684 -30.93 -13.34 -16.76
C PHE A 684 -32.40 -13.56 -16.43
N ASP A 685 -32.80 -14.80 -16.17
CA ASP A 685 -34.20 -15.08 -15.89
C ASP A 685 -34.70 -14.35 -14.66
N ASN A 686 -33.79 -13.90 -13.78
CA ASN A 686 -34.16 -13.21 -12.55
C ASN A 686 -33.68 -11.78 -12.48
N LYS A 687 -32.94 -11.31 -13.49
CA LYS A 687 -32.37 -9.97 -13.42
C LYS A 687 -33.44 -8.90 -13.27
N LYS A 688 -34.50 -8.99 -14.08
CA LYS A 688 -35.53 -7.95 -14.05
C LYS A 688 -36.26 -7.95 -12.71
N MET A 689 -36.70 -9.12 -12.25
CA MET A 689 -37.33 -9.19 -10.95
C MET A 689 -36.36 -8.85 -9.82
N LEU A 690 -35.09 -9.20 -9.99
CA LEU A 690 -34.09 -8.79 -8.99
C LEU A 690 -34.02 -7.27 -8.87
N LYS A 691 -33.99 -6.58 -10.01
CA LYS A 691 -34.01 -5.13 -9.97
C LYS A 691 -35.29 -4.64 -9.33
N LYS A 692 -36.43 -5.22 -9.69
CA LYS A 692 -37.69 -4.85 -9.06
C LYS A 692 -37.58 -4.93 -7.54
N LEU A 693 -36.95 -5.99 -7.04
CA LEU A 693 -36.69 -6.08 -5.61
C LEU A 693 -35.74 -4.98 -5.15
N ALA A 694 -34.83 -4.55 -6.03
CA ALA A 694 -33.76 -3.64 -5.61
C ALA A 694 -34.32 -2.33 -5.05
N GLU A 695 -35.30 -1.73 -5.73
CA GLU A 695 -35.83 -0.44 -5.27
C GLU A 695 -36.55 -0.55 -3.94
N ASN A 696 -36.97 -1.74 -3.54
CA ASN A 696 -37.70 -1.89 -2.29
C ASN A 696 -36.78 -1.63 -1.10
N PRO A 697 -37.11 -0.69 -0.20
CA PRO A 697 -36.27 -0.48 0.98
C PRO A 697 -36.12 -1.74 1.83
N GLU A 702 -30.78 -2.42 5.90
CA GLU A 702 -30.24 -1.28 5.16
C GLU A 702 -29.46 -0.36 6.09
N LYS A 703 -28.17 -0.63 6.25
CA LYS A 703 -27.31 0.27 6.99
C LYS A 703 -27.28 1.65 6.35
N LEU A 704 -27.50 1.71 5.04
CA LEU A 704 -27.39 2.98 4.31
C LEU A 704 -28.44 3.98 4.76
N ILE A 705 -29.71 3.54 4.81
CA ILE A 705 -30.78 4.45 5.21
C ILE A 705 -30.60 4.88 6.65
N LYS A 706 -30.13 3.98 7.51
CA LYS A 706 -29.88 4.32 8.90
C LYS A 706 -28.79 5.39 9.00
N LEU A 707 -27.70 5.21 8.26
CA LEU A 707 -26.63 6.20 8.28
C LEU A 707 -27.12 7.54 7.73
N ARG A 708 -27.98 7.50 6.72
CA ARG A 708 -28.58 8.73 6.22
C ARG A 708 -29.37 9.44 7.32
N ASN A 709 -30.20 8.67 8.04
CA ASN A 709 -30.98 9.26 9.12
C ASN A 709 -30.06 9.89 10.16
N THR A 710 -28.91 9.26 10.42
CA THR A 710 -27.98 9.83 11.39
C THR A 710 -27.34 11.12 10.87
N ILE A 711 -26.82 11.09 9.65
CA ILE A 711 -26.02 12.20 9.15
C ILE A 711 -26.89 13.42 8.84
N LEU A 712 -28.10 13.22 8.34
CA LEU A 712 -28.99 14.35 8.09
C LEU A 712 -29.29 15.09 9.39
N GLU A 713 -29.54 14.33 10.46
CA GLU A 713 -29.71 14.95 11.78
C GLU A 713 -28.43 15.65 12.21
N GLN A 714 -27.28 15.04 11.95
CA GLN A 714 -26.01 15.61 12.38
C GLN A 714 -25.78 16.97 11.72
N PHE A 715 -26.10 17.09 10.45
CA PHE A 715 -25.80 18.33 9.72
C PHE A 715 -26.66 19.51 10.17
N THR A 716 -27.65 19.32 11.04
CA THR A 716 -28.47 20.45 11.49
C THR A 716 -27.74 21.32 12.49
N ARG A 717 -26.71 20.80 13.16
CA ARG A 717 -25.98 21.60 14.14
C ARG A 717 -25.27 22.77 13.46
N SER A 718 -24.37 22.48 12.53
CA SER A 718 -23.62 23.53 11.85
C SER A 718 -24.39 24.08 10.66
N SER A 721 -19.06 28.07 9.23
CA SER A 721 -18.31 27.06 8.50
C SER A 721 -18.76 25.66 8.91
N SER A 722 -18.79 24.75 7.94
CA SER A 722 -19.17 23.37 8.16
C SER A 722 -18.13 22.45 7.53
N ARG A 723 -17.80 21.37 8.23
CA ARG A 723 -16.83 20.39 7.76
C ARG A 723 -17.33 19.00 8.11
N GLY A 724 -16.87 18.01 7.34
CA GLY A 724 -17.31 16.64 7.57
C GLY A 724 -16.36 15.66 6.91
N ILE A 725 -16.25 14.48 7.52
CA ILE A 725 -15.38 13.42 7.02
C ILE A 725 -16.09 12.09 7.23
N ILE A 726 -15.83 11.15 6.34
CA ILE A 726 -16.36 9.80 6.44
C ILE A 726 -15.23 8.83 6.08
N PHE A 727 -15.13 7.74 6.85
CA PHE A 727 -14.18 6.68 6.56
C PHE A 727 -14.93 5.42 6.17
N THR A 728 -14.26 4.57 5.40
CA THR A 728 -14.82 3.29 4.98
C THR A 728 -13.66 2.41 4.53
N LYS A 729 -13.98 1.26 3.95
CA LYS A 729 -12.96 0.30 3.55
C LYS A 729 -12.74 0.26 2.04
N THR A 730 -13.78 0.01 1.26
CA THR A 730 -13.58 -0.26 -0.15
C THR A 730 -13.62 1.02 -0.97
N ARG A 731 -12.90 1.00 -2.09
CA ARG A 731 -12.98 2.12 -3.03
C ARG A 731 -14.37 2.23 -3.64
N GLN A 732 -14.98 1.09 -3.98
CA GLN A 732 -16.30 1.12 -4.58
C GLN A 732 -17.33 1.73 -3.63
N SER A 733 -17.20 1.48 -2.33
CA SER A 733 -18.14 2.06 -1.38
C SER A 733 -18.13 3.57 -1.44
N THR A 734 -16.95 4.17 -1.68
CA THR A 734 -16.89 5.62 -1.74
C THR A 734 -17.69 6.15 -2.92
N TYR A 735 -17.52 5.56 -4.10
CA TYR A 735 -18.29 5.98 -5.26
C TYR A 735 -19.78 5.78 -5.02
N ALA A 736 -20.15 4.63 -4.44
CA ALA A 736 -21.55 4.36 -4.18
C ALA A 736 -22.16 5.40 -3.26
N LEU A 737 -21.48 5.69 -2.14
CA LEU A 737 -22.00 6.69 -1.22
C LEU A 737 -22.09 8.05 -1.87
N SER A 738 -21.08 8.43 -2.66
CA SER A 738 -21.12 9.74 -3.31
C SER A 738 -22.32 9.85 -4.23
N GLN A 739 -22.49 8.89 -5.14
CA GLN A 739 -23.59 9.00 -6.09
C GLN A 739 -24.94 8.88 -5.38
N TRP A 740 -25.02 8.07 -4.33
CA TRP A 740 -26.28 7.90 -3.61
C TRP A 740 -26.67 9.18 -2.87
N ILE A 741 -25.69 9.81 -2.20
CA ILE A 741 -25.99 11.05 -1.50
C ILE A 741 -26.30 12.16 -2.50
N MET A 742 -25.68 12.11 -3.68
CA MET A 742 -26.05 13.04 -4.74
C MET A 742 -27.50 12.83 -5.15
N GLU A 743 -27.93 11.58 -5.26
CA GLU A 743 -29.30 11.29 -5.67
C GLU A 743 -30.30 11.86 -4.67
N ASN A 744 -30.02 11.73 -3.37
CA ASN A 744 -30.91 12.28 -2.36
C ASN A 744 -30.99 13.80 -2.50
N ALA A 745 -32.18 14.34 -2.22
CA ALA A 745 -32.39 15.78 -2.30
C ALA A 745 -32.24 16.47 -0.95
N LYS A 746 -32.41 15.76 0.16
CA LYS A 746 -32.33 16.42 1.47
C LYS A 746 -30.94 16.98 1.71
N PHE A 747 -29.90 16.22 1.38
CA PHE A 747 -28.54 16.71 1.60
C PHE A 747 -28.28 17.97 0.80
N ALA A 748 -28.70 18.00 -0.46
CA ALA A 748 -28.55 19.21 -1.26
C ALA A 748 -29.34 20.35 -0.64
N GLU A 749 -30.53 20.06 -0.11
CA GLU A 749 -31.32 21.09 0.55
C GLU A 749 -30.55 21.68 1.73
N VAL A 750 -29.92 20.83 2.53
CA VAL A 750 -29.14 21.32 3.66
C VAL A 750 -27.88 22.03 3.19
N GLY A 751 -27.50 21.84 1.94
CA GLY A 751 -26.25 22.38 1.42
C GLY A 751 -25.04 21.51 1.62
N VAL A 752 -25.21 20.24 1.92
CA VAL A 752 -24.12 19.26 2.14
C VAL A 752 -23.58 18.85 0.77
N LYS A 753 -22.38 19.29 0.42
CA LYS A 753 -21.78 18.86 -0.82
C LYS A 753 -20.70 17.82 -0.49
N ALA A 754 -20.71 16.68 -1.18
CA ALA A 754 -19.79 15.62 -0.84
C ALA A 754 -19.02 15.18 -2.07
N HIS A 755 -17.81 14.68 -1.84
CA HIS A 755 -16.98 14.18 -2.92
C HIS A 755 -16.19 12.98 -2.42
N HIS A 756 -15.85 12.08 -3.34
CA HIS A 756 -15.13 10.88 -2.98
C HIS A 756 -13.63 11.15 -2.93
N LEU A 757 -12.90 10.22 -2.33
CA LEU A 757 -11.46 10.33 -2.24
C LEU A 757 -10.87 8.94 -2.03
N ILE A 758 -9.89 8.58 -2.85
CA ILE A 758 -9.22 7.30 -2.73
C ILE A 758 -7.74 7.45 -3.08
N GLY A 759 -7.00 6.36 -3.02
CA GLY A 759 -5.59 6.36 -3.34
C GLY A 759 -5.35 6.27 -4.84
N ALA A 760 -4.07 6.10 -5.18
CA ALA A 760 -3.65 6.07 -6.58
C ALA A 760 -3.19 4.69 -7.04
N GLY A 761 -3.18 3.70 -6.18
CA GLY A 761 -2.71 2.39 -6.57
C GLY A 761 -3.53 1.82 -7.71
N HIS A 762 -2.84 1.17 -8.65
CA HIS A 762 -3.50 0.55 -9.80
C HIS A 762 -3.82 -0.90 -9.45
N SER A 763 -4.90 -1.06 -8.69
CA SER A 763 -5.36 -2.39 -8.29
C SER A 763 -6.82 -2.28 -7.88
N SER A 764 -7.43 -3.43 -7.64
CA SER A 764 -8.80 -3.58 -7.19
C SER A 764 -9.80 -3.39 -8.33
N GLU A 765 -9.35 -3.22 -9.57
CA GLU A 765 -10.24 -3.03 -10.70
C GLU A 765 -11.17 -1.84 -10.48
N VAL A 766 -10.61 -0.75 -9.98
CA VAL A 766 -11.34 0.50 -9.78
C VAL A 766 -10.50 1.63 -10.36
N LYS A 767 -11.19 2.69 -10.76
CA LYS A 767 -10.51 3.86 -11.31
C LYS A 767 -9.70 4.53 -10.20
N PRO A 768 -8.38 4.61 -10.31
CA PRO A 768 -7.60 5.27 -9.27
C PRO A 768 -7.72 6.78 -9.35
N MET A 769 -7.30 7.43 -8.27
CA MET A 769 -7.26 8.88 -8.19
C MET A 769 -5.81 9.34 -8.21
N THR A 770 -5.52 10.35 -9.03
CA THR A 770 -4.17 10.85 -9.19
C THR A 770 -3.80 11.80 -8.05
N GLN A 771 -2.49 11.96 -7.85
CA GLN A 771 -2.02 12.87 -6.81
C GLN A 771 -2.56 14.27 -7.04
N THR A 772 -2.54 14.74 -8.29
CA THR A 772 -3.04 16.08 -8.58
C THR A 772 -4.50 16.21 -8.18
N GLU A 773 -5.30 15.19 -8.46
CA GLU A 773 -6.72 15.25 -8.12
C GLU A 773 -6.92 15.24 -6.60
N GLN A 774 -6.09 14.48 -5.88
CA GLN A 774 -6.16 14.52 -4.42
C GLN A 774 -5.83 15.91 -3.90
N LYS A 775 -4.76 16.52 -4.41
CA LYS A 775 -4.42 17.88 -4.00
C LYS A 775 -5.58 18.82 -4.27
N GLU A 776 -6.19 18.71 -5.46
CA GLU A 776 -7.28 19.59 -5.83
C GLU A 776 -8.47 19.41 -4.89
N VAL A 777 -8.79 18.15 -4.56
CA VAL A 777 -9.93 17.88 -3.70
C VAL A 777 -9.68 18.43 -2.29
N ILE A 778 -8.47 18.26 -1.78
CA ILE A 778 -8.17 18.79 -0.45
C ILE A 778 -8.20 20.31 -0.46
N SER A 779 -7.72 20.92 -1.54
CA SER A 779 -7.79 22.38 -1.64
C SER A 779 -9.24 22.85 -1.65
N LYS A 780 -10.10 22.16 -2.39
CA LYS A 780 -11.53 22.50 -2.37
C LYS A 780 -12.10 22.35 -0.97
N PHE A 781 -11.72 21.27 -0.29
CA PHE A 781 -12.21 21.03 1.07
C PHE A 781 -11.81 22.16 2.00
N ARG A 782 -10.56 22.62 1.91
CA ARG A 782 -10.13 23.77 2.69
C ARG A 782 -10.92 25.01 2.32
N THR A 783 -11.08 25.27 1.02
CA THR A 783 -11.83 26.44 0.58
C THR A 783 -13.29 26.34 0.97
N GLY A 784 -13.88 25.14 0.83
CA GLY A 784 -15.27 24.92 1.18
C GLY A 784 -16.17 24.51 0.03
N GLU A 785 -15.65 24.33 -1.19
CA GLU A 785 -16.50 23.90 -2.30
C GLU A 785 -17.17 22.57 -1.98
N ILE A 786 -16.51 21.71 -1.22
CA ILE A 786 -17.07 20.44 -0.77
C ILE A 786 -17.12 20.45 0.75
N ASN A 787 -18.29 20.11 1.29
CA ASN A 787 -18.49 20.16 2.73
C ASN A 787 -18.10 18.85 3.41
N LEU A 788 -18.19 17.73 2.71
CA LEU A 788 -17.93 16.42 3.28
C LEU A 788 -16.99 15.64 2.38
N LEU A 789 -16.14 14.82 3.00
CA LEU A 789 -15.20 13.97 2.28
C LEU A 789 -15.51 12.51 2.58
N ILE A 790 -15.28 11.67 1.58
CA ILE A 790 -15.43 10.22 1.71
C ILE A 790 -14.10 9.61 1.32
N ALA A 791 -13.41 9.02 2.30
CA ALA A 791 -12.06 8.54 2.09
C ALA A 791 -11.94 7.13 2.65
N THR A 792 -11.06 6.34 2.04
CA THR A 792 -10.79 4.99 2.55
C THR A 792 -9.79 5.04 3.70
N THR A 793 -8.55 5.39 3.40
CA THR A 793 -7.55 5.56 4.44
C THR A 793 -6.64 6.75 4.19
N VAL A 794 -6.77 7.45 3.07
CA VAL A 794 -5.83 8.52 2.75
C VAL A 794 -5.96 9.65 3.75
N ALA A 795 -7.19 10.07 4.02
CA ALA A 795 -7.39 11.19 4.93
C ALA A 795 -6.97 10.88 6.35
N GLU A 796 -6.73 9.61 6.68
CA GLU A 796 -6.34 9.26 8.04
C GLU A 796 -4.99 9.84 8.40
N GLU A 797 -4.04 9.81 7.46
CA GLU A 797 -2.71 10.35 7.71
C GLU A 797 -2.13 10.88 6.40
N GLY A 798 -1.20 11.82 6.53
CA GLY A 798 -0.57 12.41 5.36
C GLY A 798 -1.32 13.60 4.83
N LEU A 799 -2.57 13.39 4.42
CA LEU A 799 -3.38 14.49 3.92
C LEU A 799 -3.62 15.51 5.02
N ASP A 800 -3.46 16.79 4.68
CA ASP A 800 -3.62 17.88 5.64
C ASP A 800 -5.12 18.20 5.75
N ILE A 801 -5.81 17.40 6.54
CA ILE A 801 -7.23 17.58 6.81
C ILE A 801 -7.38 17.99 8.27
N LYS A 802 -8.02 19.12 8.52
CA LYS A 802 -8.07 19.68 9.87
C LYS A 802 -9.25 20.65 9.95
N GLU A 803 -9.51 21.11 11.17
CA GLU A 803 -10.74 21.83 11.48
C GLU A 803 -11.97 21.06 11.04
N CYS A 804 -12.01 19.77 11.38
CA CYS A 804 -13.11 18.88 11.04
C CYS A 804 -13.94 18.62 12.28
N ASN A 805 -15.19 19.06 12.26
CA ASN A 805 -16.05 18.84 13.42
C ASN A 805 -16.49 17.39 13.54
N ILE A 806 -16.86 16.77 12.43
CA ILE A 806 -17.44 15.44 12.41
C ILE A 806 -16.49 14.48 11.72
N VAL A 807 -16.26 13.33 12.35
CA VAL A 807 -15.51 12.24 11.73
C VAL A 807 -16.25 10.93 11.95
N ILE A 808 -16.81 10.37 10.88
CA ILE A 808 -17.65 9.19 10.97
C ILE A 808 -16.91 8.00 10.39
N ARG A 809 -16.87 6.89 11.13
CA ARG A 809 -16.29 5.66 10.65
C ARG A 809 -17.40 4.65 10.40
N TYR A 810 -17.55 4.25 9.15
CA TYR A 810 -18.66 3.40 8.70
C TYR A 810 -18.12 2.02 8.33
N GLY A 811 -18.00 1.15 9.32
CA GLY A 811 -17.56 -0.21 9.09
C GLY A 811 -16.06 -0.40 9.17
N LEU A 812 -15.44 0.10 10.23
CA LEU A 812 -14.01 -0.08 10.44
C LEU A 812 -13.77 -0.89 11.71
N SER A 831 -14.82 18.61 17.78
CA SER A 831 -14.18 17.43 17.20
C SER A 831 -14.95 16.17 17.56
N THR A 832 -16.23 16.16 17.23
CA THR A 832 -17.06 15.00 17.53
C THR A 832 -16.60 13.79 16.72
N TYR A 833 -16.73 12.63 17.35
CA TYR A 833 -16.35 11.35 16.76
C TYR A 833 -17.57 10.43 16.73
N VAL A 834 -17.76 9.74 15.62
CA VAL A 834 -18.91 8.88 15.42
C VAL A 834 -18.43 7.58 14.76
N LEU A 835 -18.99 6.46 15.20
CA LEU A 835 -18.60 5.14 14.70
C LEU A 835 -19.89 4.35 14.46
N VAL A 836 -20.31 4.30 13.21
CA VAL A 836 -21.54 3.60 12.84
C VAL A 836 -21.20 2.19 12.41
N THR A 837 -22.11 1.26 12.68
CA THR A 837 -21.93 -0.13 12.29
C THR A 837 -23.18 -0.95 12.58
N GLU A 845 -16.42 -0.86 19.98
CA GLU A 845 -15.57 -1.73 20.80
C GLU A 845 -14.11 -1.56 20.45
N ARG A 846 -13.84 -1.17 19.19
CA ARG A 846 -12.45 -0.99 18.76
C ARG A 846 -11.82 0.24 19.41
N GLU A 847 -12.63 1.25 19.75
CA GLU A 847 -12.09 2.41 20.44
C GLU A 847 -11.56 2.03 21.82
N ILE A 848 -12.20 1.07 22.49
CA ILE A 848 -11.73 0.65 23.81
C ILE A 848 -10.35 0.02 23.69
N VAL A 849 -10.18 -0.89 22.74
CA VAL A 849 -8.87 -1.53 22.59
C VAL A 849 -7.83 -0.51 22.12
N ASN A 850 -8.24 0.46 21.29
CA ASN A 850 -7.30 1.49 20.88
C ASN A 850 -6.83 2.32 22.06
N ASP A 851 -7.75 2.69 22.95
CA ASP A 851 -7.36 3.45 24.14
C ASP A 851 -6.47 2.61 25.06
N PHE A 852 -6.79 1.32 25.21
CA PHE A 852 -5.95 0.46 26.02
C PHE A 852 -4.54 0.36 25.44
N ARG A 853 -4.44 0.23 24.12
CA ARG A 853 -3.13 0.16 23.49
C ARG A 853 -2.36 1.46 23.70
N GLU A 854 -3.06 2.60 23.59
CA GLU A 854 -2.40 3.89 23.83
C GLU A 854 -1.85 3.95 25.24
N LYS A 855 -2.66 3.56 26.23
CA LYS A 855 -2.21 3.60 27.61
C LYS A 855 -1.03 2.66 27.83
N MET A 856 -1.10 1.46 27.26
CA MET A 856 -0.02 0.50 27.42
C MET A 856 1.27 1.01 26.80
N MET A 857 1.17 1.63 25.62
CA MET A 857 2.34 2.22 24.99
C MET A 857 2.94 3.32 25.85
N TYR A 858 2.09 4.18 26.42
CA TYR A 858 2.61 5.24 27.26
C TYR A 858 3.33 4.68 28.48
N LYS A 859 2.75 3.65 29.10
CA LYS A 859 3.40 3.04 30.25
C LYS A 859 4.72 2.39 29.85
N ALA A 860 4.76 1.75 28.68
CA ALA A 860 5.99 1.12 28.22
C ALA A 860 7.08 2.16 27.98
N ILE A 861 6.71 3.30 27.39
CA ILE A 861 7.68 4.37 27.20
C ILE A 861 8.18 4.86 28.55
N ASN A 862 7.26 5.07 29.50
CA ASN A 862 7.67 5.52 30.82
C ASN A 862 8.68 4.56 31.43
N ARG A 863 8.42 3.26 31.32
CA ARG A 863 9.34 2.27 31.86
C ARG A 863 10.69 2.33 31.16
N VAL A 864 10.68 2.31 29.83
CA VAL A 864 11.92 2.22 29.08
C VAL A 864 12.80 3.43 29.34
N GLN A 865 12.20 4.63 29.40
CA GLN A 865 12.98 5.82 29.73
C GLN A 865 13.72 5.63 31.03
N ASN A 866 13.08 5.01 32.03
CA ASN A 866 13.68 4.79 33.34
C ASN A 866 14.24 3.38 33.37
N MET A 867 15.47 3.23 32.89
CA MET A 867 16.14 1.94 32.85
C MET A 867 17.64 2.16 32.97
N LYS A 868 18.33 1.13 33.45
CA LYS A 868 19.78 1.22 33.55
C LYS A 868 20.39 1.32 32.16
N PRO A 869 21.36 2.22 31.95
CA PRO A 869 21.93 2.35 30.60
C PRO A 869 22.60 1.07 30.11
N GLU A 870 23.26 0.32 30.97
CA GLU A 870 23.99 -0.85 30.51
C GLU A 870 23.03 -1.98 30.12
N GLU A 871 21.96 -2.17 30.88
CA GLU A 871 20.97 -3.16 30.50
C GLU A 871 20.33 -2.79 29.17
N TYR A 872 20.01 -1.51 28.98
CA TYR A 872 19.47 -1.06 27.71
C TYR A 872 20.44 -1.34 26.57
N ALA A 873 21.72 -1.05 26.79
CA ALA A 873 22.72 -1.30 25.76
C ALA A 873 22.80 -2.77 25.42
N HIS A 874 22.80 -3.64 26.44
CA HIS A 874 22.89 -5.07 26.19
C HIS A 874 21.68 -5.57 25.40
N LYS A 875 20.49 -5.12 25.79
CA LYS A 875 19.28 -5.58 25.10
C LYS A 875 19.28 -5.12 23.64
N ILE A 876 19.61 -3.85 23.41
CA ILE A 876 19.60 -3.37 22.03
C ILE A 876 20.67 -4.06 21.22
N LEU A 877 21.83 -4.36 21.83
CA LEU A 877 22.87 -5.07 21.09
C LEU A 877 22.39 -6.46 20.69
N GLU A 878 21.73 -7.16 21.60
CA GLU A 878 21.19 -8.47 21.27
C GLU A 878 20.17 -8.37 20.15
N LEU A 879 19.29 -7.38 20.21
CA LEU A 879 18.28 -7.25 19.16
C LEU A 879 18.92 -6.94 17.82
N GLN A 880 19.96 -6.09 17.82
CA GLN A 880 20.65 -5.78 16.58
C GLN A 880 21.28 -7.02 15.98
N VAL A 881 21.94 -7.83 16.82
CA VAL A 881 22.56 -9.05 16.31
C VAL A 881 21.49 -9.97 15.75
N GLN A 882 20.36 -10.10 16.45
CA GLN A 882 19.29 -10.96 15.97
C GLN A 882 18.80 -10.50 14.61
N SER A 883 18.57 -9.20 14.45
CA SER A 883 18.07 -8.70 13.17
C SER A 883 19.07 -8.95 12.05
N ILE A 884 20.36 -8.72 12.32
CA ILE A 884 21.38 -8.93 11.29
C ILE A 884 21.42 -10.39 10.88
N LEU A 885 21.42 -11.30 11.86
CA LEU A 885 21.50 -12.71 11.52
C LEU A 885 20.26 -13.18 10.77
N GLU A 886 19.08 -12.66 11.14
CA GLU A 886 17.88 -13.01 10.40
C GLU A 886 18.00 -12.53 8.96
N LYS A 887 18.51 -11.32 8.74
CA LYS A 887 18.68 -10.85 7.36
C LYS A 887 19.67 -11.72 6.62
N LYS A 888 20.71 -12.20 7.31
CA LYS A 888 21.66 -13.10 6.65
C LYS A 888 20.98 -14.38 6.18
N MET A 889 20.14 -14.98 7.03
CA MET A 889 19.43 -16.17 6.58
C MET A 889 18.46 -15.83 5.45
N LYS A 890 17.83 -14.65 5.49
CA LYS A 890 16.96 -14.25 4.39
C LYS A 890 17.73 -14.21 3.09
N VAL A 891 18.94 -13.64 3.12
CA VAL A 891 19.77 -13.56 1.93
C VAL A 891 20.12 -14.97 1.44
N LYS A 892 20.48 -15.85 2.36
CA LYS A 892 20.81 -17.22 1.97
C LYS A 892 19.63 -17.88 1.26
N ARG A 893 18.44 -17.78 1.85
CA ARG A 893 17.27 -18.42 1.27
C ARG A 893 16.90 -17.80 -0.07
N SER A 894 17.02 -16.48 -0.19
CA SER A 894 16.72 -15.83 -1.47
C SER A 894 17.69 -16.29 -2.55
N ILE A 895 18.98 -16.41 -2.21
CA ILE A 895 19.94 -16.91 -3.18
C ILE A 895 19.61 -18.34 -3.58
N ALA A 896 19.26 -19.18 -2.60
CA ALA A 896 18.91 -20.57 -2.89
C ALA A 896 17.58 -20.69 -3.62
N LYS A 897 16.77 -19.63 -3.65
CA LYS A 897 15.45 -19.71 -4.26
C LYS A 897 15.55 -20.05 -5.74
N GLN A 898 16.15 -19.17 -6.52
CA GLN A 898 16.25 -19.35 -7.97
C GLN A 898 17.46 -20.21 -8.29
N TYR A 899 17.23 -21.33 -9.00
CA TYR A 899 18.32 -22.21 -9.40
C TYR A 899 18.25 -22.70 -10.83
N ASN A 900 17.08 -22.72 -11.48
CA ASN A 900 16.94 -23.38 -12.77
C ASN A 900 17.42 -22.50 -13.92
N ASP A 901 16.75 -21.37 -14.14
CA ASP A 901 17.08 -20.48 -15.26
C ASP A 901 17.14 -21.26 -16.57
N ASN A 902 15.98 -21.84 -16.95
CA ASN A 902 15.89 -22.62 -18.18
C ASN A 902 15.28 -21.81 -19.30
N PRO A 903 15.69 -22.07 -20.56
CA PRO A 903 15.15 -21.27 -21.68
C PRO A 903 13.72 -21.61 -22.03
N SER A 904 13.42 -22.90 -22.14
CA SER A 904 12.08 -23.33 -22.56
C SER A 904 11.87 -24.75 -22.04
N LEU A 905 11.03 -24.88 -21.00
CA LEU A 905 10.77 -26.17 -20.40
C LEU A 905 9.29 -26.35 -20.08
N ILE A 906 8.44 -25.43 -20.51
CA ILE A 906 7.04 -25.39 -20.09
C ILE A 906 6.16 -25.19 -21.31
N THR A 907 4.86 -25.31 -21.09
CA THR A 907 3.85 -24.95 -22.07
C THR A 907 2.72 -24.23 -21.35
N LEU A 908 2.18 -23.19 -21.97
CA LEU A 908 1.11 -22.40 -21.39
C LEU A 908 -0.22 -22.79 -22.02
N LEU A 909 -1.23 -23.02 -21.18
CA LEU A 909 -2.56 -23.41 -21.59
C LEU A 909 -3.59 -22.45 -21.01
N CYS A 910 -4.75 -22.38 -21.66
CA CYS A 910 -5.85 -21.59 -21.12
C CYS A 910 -6.46 -22.33 -19.93
N LYS A 911 -6.64 -21.61 -18.82
CA LYS A 911 -7.09 -22.28 -17.60
C LYS A 911 -8.53 -22.77 -17.72
N ASN A 912 -9.38 -22.07 -18.46
CA ASN A 912 -10.76 -22.52 -18.64
C ASN A 912 -10.82 -23.75 -19.54
N CYS A 913 -10.37 -23.61 -20.78
CA CYS A 913 -10.27 -24.74 -21.70
C CYS A 913 -8.82 -25.22 -21.70
N SER A 914 -8.60 -26.44 -21.24
CA SER A 914 -7.24 -26.94 -21.10
C SER A 914 -6.65 -27.21 -22.47
N MET A 915 -6.40 -26.14 -23.23
CA MET A 915 -5.90 -26.23 -24.59
C MET A 915 -4.53 -25.59 -24.68
N LEU A 916 -3.69 -26.12 -25.57
CA LEU A 916 -2.36 -25.57 -25.76
C LEU A 916 -2.46 -24.15 -26.30
N VAL A 917 -1.72 -23.23 -25.68
CA VAL A 917 -1.74 -21.82 -26.06
C VAL A 917 -0.37 -21.35 -26.50
N CYS A 918 0.68 -21.70 -25.77
CA CYS A 918 2.03 -21.26 -26.12
C CYS A 918 3.04 -22.31 -25.69
N SER A 919 4.21 -22.26 -26.33
CA SER A 919 5.34 -23.09 -25.97
C SER A 919 6.35 -22.26 -25.17
N GLY A 920 7.41 -22.92 -24.71
CA GLY A 920 8.39 -22.26 -23.86
C GLY A 920 9.42 -21.44 -24.59
N GLU A 921 9.63 -21.71 -25.88
CA GLU A 921 10.65 -20.99 -26.64
C GLU A 921 10.07 -19.93 -27.56
N ASN A 922 8.79 -20.02 -27.91
CA ASN A 922 8.17 -19.01 -28.77
C ASN A 922 7.92 -17.71 -28.05
N ILE A 923 8.13 -17.64 -26.73
CA ILE A 923 7.93 -16.41 -26.00
C ILE A 923 9.19 -15.55 -26.10
N HIS A 924 8.98 -14.23 -26.05
CA HIS A 924 10.08 -13.27 -26.02
C HIS A 924 9.72 -12.17 -25.04
N VAL A 925 10.70 -11.32 -24.73
CA VAL A 925 10.58 -10.31 -23.70
C VAL A 925 10.96 -8.94 -24.26
N VAL A 926 10.23 -7.92 -23.85
CA VAL A 926 10.54 -6.54 -24.18
C VAL A 926 10.60 -5.74 -22.89
N GLU A 927 11.61 -4.87 -22.80
CA GLU A 927 11.88 -4.05 -21.62
C GLU A 927 12.26 -4.89 -20.41
N LYS A 928 12.51 -6.19 -20.61
CA LYS A 928 12.69 -7.12 -19.50
C LYS A 928 11.51 -7.06 -18.54
N MET A 929 10.36 -6.60 -19.04
CA MET A 929 9.17 -6.41 -18.22
C MET A 929 7.93 -7.05 -18.82
N HIS A 930 7.80 -7.07 -20.15
CA HIS A 930 6.63 -7.62 -20.80
C HIS A 930 7.01 -8.87 -21.59
N HIS A 931 6.14 -9.88 -21.55
CA HIS A 931 6.33 -11.12 -22.27
C HIS A 931 5.30 -11.21 -23.38
N VAL A 932 5.77 -11.50 -24.59
CA VAL A 932 4.95 -11.48 -25.79
C VAL A 932 5.24 -12.74 -26.61
N ASN A 933 4.36 -13.00 -27.56
CA ASN A 933 4.43 -14.16 -28.43
C ASN A 933 4.34 -13.66 -29.87
N MET A 934 5.49 -13.58 -30.54
CA MET A 934 5.50 -13.00 -31.89
C MET A 934 5.09 -13.97 -32.97
N THR A 935 5.06 -15.25 -32.68
CA THR A 935 4.91 -16.26 -33.72
C THR A 935 3.57 -16.10 -34.43
N PRO A 936 3.56 -16.15 -35.77
CA PRO A 936 2.27 -16.06 -36.47
C PRO A 936 1.31 -17.15 -36.04
N GLU A 937 1.81 -18.36 -35.80
CA GLU A 937 0.94 -19.49 -35.48
C GLU A 937 0.05 -19.15 -34.30
N PHE A 938 0.60 -18.45 -33.31
CA PHE A 938 -0.17 -18.06 -32.13
C PHE A 938 -1.29 -17.10 -32.51
N LYS A 939 -1.02 -16.17 -33.42
CA LYS A 939 -1.99 -15.13 -33.74
C LYS A 939 -3.31 -15.69 -34.27
N GLY A 940 -3.31 -16.90 -34.83
CA GLY A 940 -4.55 -17.47 -35.32
C GLY A 940 -5.49 -17.95 -34.25
N LEU A 941 -5.11 -17.83 -32.98
CA LEU A 941 -5.91 -18.35 -31.88
C LEU A 941 -6.77 -17.29 -31.22
N TYR A 942 -6.15 -16.20 -30.76
CA TYR A 942 -6.83 -15.26 -29.90
C TYR A 942 -7.77 -14.36 -30.69
N ILE A 943 -8.60 -13.64 -29.93
CA ILE A 943 -9.56 -12.68 -30.46
C ILE A 943 -9.32 -11.36 -29.76
N VAL A 944 -9.76 -10.28 -30.41
CA VAL A 944 -9.56 -8.93 -29.91
C VAL A 944 -10.91 -8.36 -29.48
N ARG A 945 -10.88 -7.52 -28.44
CA ARG A 945 -12.06 -6.83 -27.98
C ARG A 945 -11.65 -5.46 -27.43
N GLU A 946 -12.58 -4.53 -27.47
CA GLU A 946 -12.35 -3.19 -26.97
C GLU A 946 -13.69 -2.45 -26.89
N ASN A 947 -13.88 -1.71 -25.80
CA ASN A 947 -15.10 -0.92 -25.61
C ASN A 947 -14.77 0.29 -24.75
N LYS A 948 -15.64 1.30 -24.84
CA LYS A 948 -15.48 2.51 -24.06
C LYS A 948 -16.72 3.39 -24.17
N ASN A 960 -3.19 -1.55 -25.83
CA ASN A 960 -4.44 -0.86 -26.14
C ASN A 960 -5.63 -1.82 -26.03
N GLY A 961 -5.90 -2.57 -27.10
CA GLY A 961 -7.00 -3.49 -27.09
C GLY A 961 -6.74 -4.72 -26.24
N GLU A 962 -7.82 -5.39 -25.85
CA GLU A 962 -7.74 -6.56 -25.00
C GLU A 962 -7.82 -7.83 -25.82
N ILE A 963 -7.11 -8.87 -25.37
CA ILE A 963 -6.99 -10.13 -26.07
C ILE A 963 -7.67 -11.20 -25.23
N ILE A 964 -8.61 -11.92 -25.84
CA ILE A 964 -9.37 -12.97 -25.18
C ILE A 964 -9.22 -14.26 -25.97
N CYS A 965 -9.67 -15.36 -25.35
CA CYS A 965 -9.49 -16.69 -25.90
C CYS A 965 -10.55 -16.97 -26.95
N LYS A 966 -10.49 -18.18 -27.52
CA LYS A 966 -11.61 -18.69 -28.29
C LYS A 966 -12.77 -19.09 -27.39
N CYS A 967 -12.50 -19.38 -26.12
CA CYS A 967 -13.53 -19.72 -25.16
C CYS A 967 -14.04 -18.52 -24.38
N GLY A 968 -13.54 -17.32 -24.68
CA GLY A 968 -13.93 -16.13 -23.96
C GLY A 968 -13.02 -15.79 -22.80
N GLN A 969 -12.06 -16.64 -22.46
CA GLN A 969 -11.13 -16.33 -21.39
C GLN A 969 -10.21 -15.19 -21.80
N ALA A 970 -10.03 -14.22 -20.91
CA ALA A 970 -9.11 -13.12 -21.18
C ALA A 970 -7.68 -13.61 -21.20
N TRP A 971 -6.91 -13.14 -22.17
CA TRP A 971 -5.51 -13.53 -22.34
C TRP A 971 -4.53 -12.39 -22.06
N GLY A 972 -4.86 -11.16 -22.43
CA GLY A 972 -3.95 -10.06 -22.18
C GLY A 972 -4.31 -8.77 -22.89
N THR A 973 -3.31 -8.01 -23.32
CA THR A 973 -3.52 -6.71 -23.92
C THR A 973 -2.62 -6.55 -25.15
N MET A 974 -3.09 -5.76 -26.10
CA MET A 974 -2.34 -5.47 -27.33
C MET A 974 -1.53 -4.19 -27.10
N MET A 975 -0.24 -4.34 -26.88
CA MET A 975 0.64 -3.21 -26.64
C MET A 975 1.26 -2.77 -27.96
N VAL A 976 1.06 -1.51 -28.32
CA VAL A 976 1.67 -0.96 -29.53
C VAL A 976 2.96 -0.28 -29.06
N HIS A 977 4.06 -1.03 -29.08
CA HIS A 977 5.33 -0.53 -28.54
C HIS A 977 6.46 -0.59 -29.56
N LYS A 978 7.22 0.50 -29.68
CA LYS A 978 8.37 0.55 -30.60
C LYS A 978 7.97 0.17 -32.01
N GLY A 979 6.83 0.70 -32.46
CA GLY A 979 6.38 0.39 -33.82
C GLY A 979 6.10 -1.06 -34.05
N LEU A 980 5.64 -1.78 -33.03
CA LEU A 980 5.27 -3.17 -33.16
C LEU A 980 3.99 -3.42 -32.38
N ASP A 981 3.11 -4.23 -32.95
CA ASP A 981 1.81 -4.51 -32.33
C ASP A 981 1.91 -5.82 -31.54
N LEU A 982 2.57 -5.73 -30.39
CA LEU A 982 2.89 -6.91 -29.60
C LEU A 982 1.66 -7.40 -28.83
N PRO A 983 1.26 -8.66 -28.98
CA PRO A 983 0.15 -9.19 -28.16
C PRO A 983 0.65 -9.68 -26.79
N CYS A 984 0.79 -8.73 -25.87
CA CYS A 984 1.29 -9.07 -24.54
C CYS A 984 0.23 -9.84 -23.77
N LEU A 985 0.69 -10.80 -22.95
CA LEU A 985 -0.20 -11.68 -22.23
C LEU A 985 0.18 -11.69 -20.75
N LYS A 986 -0.77 -12.11 -19.92
CA LYS A 986 -0.61 -12.13 -18.48
C LYS A 986 -0.61 -13.59 -18.00
N ILE A 987 0.15 -13.83 -16.93
CA ILE A 987 0.29 -15.19 -16.41
C ILE A 987 -0.86 -15.59 -15.49
N ARG A 988 -1.54 -14.63 -14.87
CA ARG A 988 -2.62 -14.96 -13.94
C ARG A 988 -3.63 -15.89 -14.59
N ASN A 989 -3.95 -15.64 -15.85
CA ASN A 989 -5.06 -16.32 -16.51
C ASN A 989 -4.65 -17.54 -17.30
N PHE A 990 -3.38 -17.94 -17.24
CA PHE A 990 -2.91 -19.16 -17.89
C PHE A 990 -2.47 -20.18 -16.86
N VAL A 991 -2.24 -21.41 -17.33
CA VAL A 991 -1.79 -22.51 -16.50
C VAL A 991 -0.56 -23.12 -17.15
N VAL A 992 0.37 -23.56 -16.30
CA VAL A 992 1.67 -24.03 -16.74
C VAL A 992 1.67 -25.54 -16.75
N ASN A 993 2.37 -26.11 -17.74
CA ASN A 993 2.57 -27.56 -17.82
C ASN A 993 4.04 -27.80 -18.12
N PHE A 994 4.79 -28.26 -17.13
CA PHE A 994 6.21 -28.51 -17.32
C PHE A 994 6.42 -29.70 -18.25
N LYS A 995 7.57 -29.69 -18.92
CA LYS A 995 7.94 -30.81 -19.78
C LYS A 995 8.22 -32.07 -18.99
N ASN A 996 8.48 -31.93 -17.68
CA ASN A 996 8.65 -33.07 -16.79
C ASN A 996 7.33 -33.69 -16.36
N ASN A 997 6.21 -33.23 -16.92
CA ASN A 997 4.88 -33.71 -16.56
C ASN A 997 4.53 -33.42 -15.10
N SER A 998 5.17 -32.42 -14.52
CA SER A 998 4.86 -32.02 -13.16
C SER A 998 3.44 -31.46 -13.10
N PRO A 999 2.80 -31.51 -11.93
CA PRO A 999 1.41 -31.06 -11.84
C PRO A 999 1.28 -29.59 -12.21
N LYS A 1000 0.11 -29.24 -12.77
CA LYS A 1000 -0.17 -27.88 -13.18
C LYS A 1000 0.12 -26.91 -12.05
N LYS A 1001 0.35 -25.64 -12.39
CA LYS A 1001 0.66 -24.64 -11.37
C LYS A 1001 0.09 -23.29 -11.77
N GLN A 1002 -0.22 -22.49 -10.76
CA GLN A 1002 -0.65 -21.10 -10.93
C GLN A 1002 0.28 -20.20 -10.14
N TYR A 1003 0.67 -19.07 -10.75
CA TYR A 1003 1.73 -18.23 -10.20
C TYR A 1003 1.30 -16.80 -9.89
N LYS A 1004 0.46 -16.20 -10.71
CA LYS A 1004 0.00 -14.82 -10.56
C LYS A 1004 1.09 -13.81 -10.92
N LYS A 1005 2.32 -14.26 -11.15
CA LYS A 1005 3.42 -13.37 -11.47
C LYS A 1005 4.52 -14.15 -12.17
N TRP A 1006 5.18 -13.49 -13.12
CA TRP A 1006 6.23 -14.16 -13.89
C TRP A 1006 7.45 -14.44 -13.02
N VAL A 1007 7.77 -13.53 -12.09
CA VAL A 1007 9.00 -13.67 -11.33
C VAL A 1007 8.97 -14.89 -10.43
N GLU A 1008 7.80 -15.48 -10.18
CA GLU A 1008 7.73 -16.63 -9.29
C GLU A 1008 8.61 -17.77 -9.81
N LEU A 1009 8.44 -18.14 -11.07
CA LEU A 1009 9.28 -19.17 -11.64
C LEU A 1009 10.68 -18.62 -11.88
N PRO A 1010 11.72 -19.43 -11.70
CA PRO A 1010 13.09 -18.93 -11.91
C PRO A 1010 13.57 -19.00 -13.35
N ILE A 1011 12.91 -19.81 -14.18
CA ILE A 1011 13.34 -19.95 -15.57
C ILE A 1011 13.22 -18.62 -16.29
N ARG A 1012 14.18 -18.34 -17.16
CA ARG A 1012 14.28 -17.06 -17.85
C ARG A 1012 13.99 -17.23 -19.33
N PHE A 1013 13.44 -16.17 -19.94
CA PHE A 1013 13.10 -16.14 -21.35
C PHE A 1013 13.99 -15.15 -22.09
N PRO A 1014 14.23 -15.38 -23.37
CA PRO A 1014 15.14 -14.51 -24.13
C PRO A 1014 14.52 -13.16 -24.43
N ASP A 1015 15.39 -12.18 -24.65
CA ASP A 1015 14.95 -10.85 -25.03
C ASP A 1015 14.72 -10.79 -26.53
N LEU A 1016 13.65 -10.10 -26.93
CA LEU A 1016 13.29 -10.02 -28.33
C LEU A 1016 14.38 -9.31 -29.13
N ASP A 1017 14.66 -9.83 -30.32
CA ASP A 1017 15.61 -9.21 -31.24
C ASP A 1017 14.83 -8.65 -32.43
N TYR A 1018 14.89 -7.34 -32.62
CA TYR A 1018 14.10 -6.68 -33.65
C TYR A 1018 14.63 -6.97 -35.04
N SER A 1019 15.87 -7.44 -35.16
CA SER A 1019 16.37 -7.85 -36.48
C SER A 1019 15.48 -8.93 -37.07
N GLU A 1020 15.10 -9.92 -36.28
CA GLU A 1020 14.10 -10.88 -36.68
C GLU A 1020 12.72 -10.25 -36.58
N TYR A 1021 11.82 -10.64 -37.50
CA TYR A 1021 10.47 -10.12 -37.63
C TYR A 1021 10.48 -8.73 -38.26
N CYS A 1022 11.63 -8.11 -38.48
CA CYS A 1022 11.68 -6.77 -39.04
C CYS A 1022 10.89 -6.70 -40.34
N LEU A 1023 11.15 -7.63 -41.25
CA LEU A 1023 10.42 -7.72 -42.50
C LEU A 1023 10.38 -6.39 -43.24
ZN ZN D . -9.73 -20.67 -23.46
#